data_7CEG
#
_entry.id   7CEG
#
_cell.length_a   96.109
_cell.length_b   96.109
_cell.length_c   371.613
_cell.angle_alpha   90.00
_cell.angle_beta   90.00
_cell.angle_gamma   120.00
#
_symmetry.space_group_name_H-M   'P 32 1 2'
#
loop_
_entity.id
_entity.type
_entity.pdbx_description
1 polymer 'Isoform C of Receptor-type tyrosine-protein phosphatase delta'
2 polymer Neuroligin-3
3 non-polymer 2-acetamido-2-deoxy-beta-D-glucopyranose
#
loop_
_entity_poly.entity_id
_entity_poly.type
_entity_poly.pdbx_seq_one_letter_code
_entity_poly.pdbx_strand_id
1 'polypeptide(L)'
;ETPPRFTRTPVDQTGVSGGVASFICQATGDPRPKIVWNKKGKKVSNQRFEVIEFDDGSGSVLRIQPLRTPRDEAIYECVA
SNNVGEISVSTRLTVLREDQIPRGFPTIDMGPQLKVVERTRTATMLCAASGNPDPEITWFKDFLPVDTSNNNGRIKQLRS
ESIGALQIEQSEESDQGKYECVATNSAGTRYSAPANLYVRVRRVPPRFSIPPTNHEIMPGGSVNITCVAVGSPMPYVKWM
LGAEDLTPEDDMPIGRNVLELNDVRQSANYTCVAMSTLGVIEAIAQITVKALPKPPGTPVVTESTATSITLTWDSGNPEP
VSYYIIQHKPKNSEEPYKEIDGIATTRYSVAGLSPYSDYEFRVVAVNNIGRGPASEPVLTQKHHHH
;
A
2 'polypeptide(L)'
;PAPTVNTHFGKLRGARVPLPSEILGPVDQYLGVPYAAPPIGEKRFLPPEPPPSWSGIRNATHFPPVCPQNIHTAVPEVML
PVWFTANLDIVATYIQEPNEDCLYLNVYVPTEDGSGAKKQGEDLADNDGDEDEDIRDSGAKPVMVYIHGGSYMEGTGNMI
DGSVLASYGNVIVITLNYRVGVLGFLSTGDQAAKGNYGLLDQIQALRWVSENIAFFGGDPRRITVFGSGIGASCVSLLTL
SHHSEGLFQRAIIQSGSALSSWAVNYQPVKYTSLLADKVGCNVLDTVDMVDCLRQKSAKELVEQDIQPARYHVAFGPVID
GDVIPDDPEILMEQGEFLNYDIMLGVNQGEGLKFVEGVVDPEDGVSGTDFDYSVSNFVDNLYGYPEGKDTLRETIKFMYT
DWADRDNPETRRKTLVALFTDHQWVEPSVVTADLHARYGSPTYFYAFYHHCQSLMKPAWSDAAHGDEVPYVFGVPMVGPT
DLFPCNFSKNDVMLSAVVMTYWTNFAKTGDPNKPVPQDTKFIHTKANRFEEVAWSKYNPRDQLYLHIGLKPRVRDHYRAT
KVAFWKHLVPHLYNLHDMF
;
B
#
# COMPACT_ATOMS: atom_id res chain seq x y z
N GLU A 1 -7.70 33.35 -50.59
CA GLU A 1 -8.56 32.32 -50.02
C GLU A 1 -8.77 31.17 -51.01
N THR A 2 -8.78 29.95 -50.49
CA THR A 2 -9.00 28.76 -51.28
C THR A 2 -10.21 28.01 -50.75
N PRO A 3 -11.12 27.56 -51.62
CA PRO A 3 -12.31 26.83 -51.15
C PRO A 3 -11.91 25.51 -50.51
N PRO A 4 -12.74 24.97 -49.62
CA PRO A 4 -12.38 23.72 -48.94
C PRO A 4 -12.29 22.55 -49.91
N ARG A 5 -11.34 21.66 -49.64
CA ARG A 5 -11.12 20.47 -50.45
C ARG A 5 -11.03 19.25 -49.54
N PHE A 6 -11.82 18.22 -49.85
CA PHE A 6 -11.82 17.01 -49.05
C PHE A 6 -10.48 16.30 -49.13
N THR A 7 -9.91 15.96 -47.98
CA THR A 7 -8.66 15.22 -47.90
C THR A 7 -8.83 13.80 -47.41
N ARG A 8 -9.92 13.49 -46.72
CA ARG A 8 -10.13 12.13 -46.18
C ARG A 8 -11.64 11.96 -45.95
N THR A 9 -12.34 11.50 -46.99
CA THR A 9 -13.77 11.31 -46.88
C THR A 9 -14.09 10.15 -45.95
N PRO A 10 -15.23 10.20 -45.26
CA PRO A 10 -15.60 9.09 -44.39
C PRO A 10 -16.07 7.88 -45.18
N VAL A 11 -15.76 6.70 -44.64
CA VAL A 11 -16.20 5.44 -45.21
C VAL A 11 -17.31 4.87 -44.34
N ASP A 12 -18.25 4.17 -44.98
CA ASP A 12 -19.36 3.59 -44.25
C ASP A 12 -18.89 2.44 -43.38
N GLN A 13 -19.28 2.46 -42.10
CA GLN A 13 -18.88 1.45 -41.14
C GLN A 13 -20.10 0.66 -40.69
N THR A 14 -19.83 -0.42 -39.95
CA THR A 14 -20.89 -1.31 -39.45
C THR A 14 -20.46 -1.78 -38.06
N GLY A 15 -21.00 -1.13 -37.03
CA GLY A 15 -20.62 -1.44 -35.67
C GLY A 15 -21.58 -2.42 -34.99
N VAL A 16 -21.19 -2.81 -33.78
CA VAL A 16 -21.96 -3.75 -32.98
C VAL A 16 -22.72 -2.98 -31.91
N SER A 17 -23.92 -3.46 -31.58
CA SER A 17 -24.71 -2.86 -30.51
C SER A 17 -23.93 -2.93 -29.19
N GLY A 18 -23.90 -1.80 -28.49
CA GLY A 18 -23.10 -1.69 -27.28
C GLY A 18 -21.65 -1.35 -27.51
N GLY A 19 -21.22 -1.18 -28.75
CA GLY A 19 -19.84 -0.87 -29.06
C GLY A 19 -19.63 0.56 -29.49
N VAL A 20 -18.60 0.80 -30.30
CA VAL A 20 -18.22 2.15 -30.72
C VAL A 20 -18.23 2.21 -32.25
N ALA A 21 -18.40 3.43 -32.76
CA ALA A 21 -18.32 3.70 -34.20
C ALA A 21 -17.65 5.06 -34.38
N SER A 22 -16.57 5.09 -35.16
CA SER A 22 -15.77 6.31 -35.34
C SER A 22 -15.66 6.62 -36.82
N PHE A 23 -16.19 7.78 -37.22
CA PHE A 23 -16.05 8.27 -38.59
C PHE A 23 -14.97 9.35 -38.63
N ILE A 24 -14.29 9.42 -39.78
CA ILE A 24 -13.18 10.35 -39.98
C ILE A 24 -13.52 11.26 -41.14
N CYS A 25 -13.36 12.57 -40.94
CA CYS A 25 -13.62 13.55 -42.00
C CYS A 25 -12.61 14.68 -41.83
N GLN A 26 -11.81 14.91 -42.86
CA GLN A 26 -10.79 15.96 -42.85
C GLN A 26 -10.83 16.72 -44.17
N ALA A 27 -10.36 17.96 -44.11
CA ALA A 27 -10.33 18.82 -45.29
C ALA A 27 -9.27 19.90 -45.10
N THR A 28 -8.97 20.60 -46.18
CA THR A 28 -7.99 21.69 -46.16
C THR A 28 -8.51 22.85 -46.99
N GLY A 29 -7.85 23.99 -46.86
CA GLY A 29 -8.24 25.18 -47.59
C GLY A 29 -7.89 26.42 -46.78
N ASP A 30 -8.28 27.56 -47.34
CA ASP A 30 -8.04 28.86 -46.71
C ASP A 30 -9.34 29.66 -46.76
N PRO A 31 -9.95 29.99 -45.60
CA PRO A 31 -9.44 29.68 -44.26
C PRO A 31 -9.69 28.24 -43.83
N ARG A 32 -9.43 27.94 -42.57
CA ARG A 32 -9.63 26.59 -42.03
C ARG A 32 -11.10 26.21 -42.11
N PRO A 33 -11.47 25.19 -42.89
CA PRO A 33 -12.88 24.82 -43.04
C PRO A 33 -13.39 24.09 -41.80
N LYS A 34 -14.32 24.71 -41.08
CA LYS A 34 -14.92 24.05 -39.94
C LYS A 34 -15.89 22.97 -40.39
N ILE A 35 -15.98 21.91 -39.61
CA ILE A 35 -16.78 20.73 -39.95
C ILE A 35 -17.95 20.65 -38.99
N VAL A 36 -19.15 20.49 -39.53
CA VAL A 36 -20.37 20.31 -38.75
C VAL A 36 -20.95 18.94 -39.10
N TRP A 37 -21.18 18.11 -38.08
CA TRP A 37 -21.74 16.78 -38.28
C TRP A 37 -23.25 16.84 -38.11
N ASN A 38 -23.98 16.50 -39.17
CA ASN A 38 -25.44 16.64 -39.23
C ASN A 38 -26.05 15.26 -39.42
N LYS A 39 -26.36 14.58 -38.32
CA LYS A 39 -26.98 13.27 -38.37
C LYS A 39 -28.47 13.40 -38.72
N LYS A 40 -28.88 12.70 -39.77
CA LYS A 40 -30.26 12.74 -40.26
C LYS A 40 -31.03 11.52 -39.77
N GLY A 41 -31.10 11.40 -38.44
CA GLY A 41 -31.72 10.26 -37.79
C GLY A 41 -33.03 10.64 -37.14
N LYS A 42 -33.97 9.69 -37.11
CA LYS A 42 -35.27 9.95 -36.49
C LYS A 42 -35.14 10.12 -34.99
N LYS A 43 -34.16 9.45 -34.37
CA LYS A 43 -33.92 9.54 -32.93
C LYS A 43 -32.48 9.98 -32.72
N VAL A 44 -32.30 11.14 -32.10
CA VAL A 44 -30.99 11.75 -31.89
C VAL A 44 -30.68 11.77 -30.40
N SER A 45 -29.41 11.52 -30.06
CA SER A 45 -28.91 11.58 -28.68
C SER A 45 -27.82 12.63 -28.59
N ASN A 46 -27.30 12.84 -27.38
CA ASN A 46 -26.27 13.85 -27.21
C ASN A 46 -25.16 13.30 -26.32
N GLN A 47 -25.52 12.39 -25.41
CA GLN A 47 -24.51 11.83 -24.51
C GLN A 47 -23.53 10.95 -25.26
N ARG A 48 -24.02 10.20 -26.25
CA ARG A 48 -23.14 9.39 -27.08
C ARG A 48 -22.49 10.21 -28.18
N PHE A 49 -23.19 11.21 -28.70
CA PHE A 49 -22.66 12.07 -29.75
C PHE A 49 -21.59 12.98 -29.17
N GLU A 50 -20.32 12.69 -29.46
CA GLU A 50 -19.23 13.56 -29.08
C GLU A 50 -18.26 13.69 -30.25
N VAL A 51 -18.00 14.93 -30.66
CA VAL A 51 -17.08 15.22 -31.75
C VAL A 51 -15.72 15.55 -31.15
N ILE A 52 -14.67 14.91 -31.67
CA ILE A 52 -13.32 15.09 -31.17
C ILE A 52 -12.52 15.80 -32.26
N GLU A 53 -12.22 17.08 -32.03
CA GLU A 53 -11.48 17.87 -33.01
C GLU A 53 -10.00 17.52 -32.96
N PHE A 54 -9.37 17.50 -34.14
CA PHE A 54 -7.93 17.23 -34.22
C PHE A 54 -7.13 18.33 -33.52
N ASP A 55 -5.98 17.94 -32.97
CA ASP A 55 -5.12 18.90 -32.29
C ASP A 55 -4.49 19.91 -33.24
N ASP A 56 -4.50 19.63 -34.55
CA ASP A 56 -3.94 20.53 -35.55
C ASP A 56 -5.01 21.18 -36.42
N GLY A 57 -6.29 20.96 -36.11
CA GLY A 57 -7.36 21.64 -36.82
C GLY A 57 -7.65 21.14 -38.20
N SER A 58 -7.22 19.92 -38.54
CA SER A 58 -7.49 19.38 -39.86
C SER A 58 -8.94 18.93 -39.99
N GLY A 59 -9.37 18.01 -39.13
CA GLY A 59 -10.73 17.52 -39.17
C GLY A 59 -11.24 17.07 -37.81
N SER A 60 -12.36 16.37 -37.79
CA SER A 60 -12.97 15.91 -36.55
C SER A 60 -13.41 14.46 -36.71
N VAL A 61 -13.53 13.78 -35.58
CA VAL A 61 -13.86 12.36 -35.54
C VAL A 61 -15.15 12.22 -34.74
N LEU A 62 -16.24 11.87 -35.43
CA LEU A 62 -17.48 11.58 -34.74
C LEU A 62 -17.40 10.22 -34.06
N ARG A 63 -17.91 10.14 -32.83
CA ARG A 63 -17.87 8.92 -32.04
C ARG A 63 -19.23 8.71 -31.39
N ILE A 64 -19.73 7.49 -31.46
CA ILE A 64 -21.01 7.12 -30.84
C ILE A 64 -20.76 5.92 -29.94
N GLN A 65 -21.08 6.06 -28.65
CA GLN A 65 -20.84 5.00 -27.69
C GLN A 65 -21.79 5.16 -26.51
N PRO A 66 -22.51 4.09 -26.13
CA PRO A 66 -22.51 2.81 -26.82
C PRO A 66 -23.53 2.75 -27.96
N LEU A 67 -23.24 1.95 -28.98
CA LEU A 67 -24.18 1.79 -30.09
C LEU A 67 -25.41 1.03 -29.62
N ARG A 68 -26.59 1.58 -29.89
CA ARG A 68 -27.86 0.97 -29.50
C ARG A 68 -28.77 0.94 -30.71
N THR A 69 -29.23 -0.25 -31.07
CA THR A 69 -30.08 -0.44 -32.24
C THR A 69 -31.55 -0.18 -31.89
N PRO A 70 -32.33 0.41 -32.81
CA PRO A 70 -31.90 0.95 -34.10
C PRO A 70 -31.78 2.47 -34.09
N ARG A 71 -31.66 3.05 -32.90
CA ARG A 71 -31.66 4.51 -32.76
C ARG A 71 -30.39 5.12 -33.33
N ASP A 72 -29.23 4.53 -33.05
CA ASP A 72 -27.98 5.06 -33.55
C ASP A 72 -27.80 4.80 -35.05
N GLU A 73 -28.54 3.84 -35.61
CA GLU A 73 -28.41 3.48 -37.02
C GLU A 73 -29.12 4.53 -37.86
N ALA A 74 -28.35 5.36 -38.55
CA ALA A 74 -28.91 6.44 -39.36
C ALA A 74 -27.88 6.87 -40.39
N ILE A 75 -28.15 8.00 -41.06
CA ILE A 75 -27.27 8.55 -42.08
C ILE A 75 -26.60 9.79 -41.52
N TYR A 76 -25.28 9.86 -41.67
CA TYR A 76 -24.49 10.95 -41.11
C TYR A 76 -23.73 11.63 -42.24
N GLU A 77 -23.74 12.96 -42.24
CA GLU A 77 -23.06 13.73 -43.28
C GLU A 77 -22.04 14.65 -42.62
N CYS A 78 -20.97 14.95 -43.37
CA CYS A 78 -19.89 15.81 -42.91
C CYS A 78 -19.92 17.09 -43.75
N VAL A 79 -20.35 18.20 -43.15
CA VAL A 79 -20.45 19.48 -43.83
C VAL A 79 -19.24 20.32 -43.45
N ALA A 80 -18.31 20.47 -44.38
CA ALA A 80 -17.15 21.34 -44.20
C ALA A 80 -17.41 22.65 -44.94
N SER A 81 -17.33 23.77 -44.21
CA SER A 81 -17.72 25.05 -44.77
C SER A 81 -16.78 26.15 -44.27
N ASN A 82 -16.67 27.20 -45.08
CA ASN A 82 -15.96 28.42 -44.72
C ASN A 82 -16.70 29.60 -45.36
N ASN A 83 -16.11 30.78 -45.27
CA ASN A 83 -16.70 31.96 -45.89
C ASN A 83 -16.40 32.08 -47.37
N VAL A 84 -15.93 31.00 -48.00
CA VAL A 84 -15.63 30.97 -49.42
C VAL A 84 -16.46 29.92 -50.15
N GLY A 85 -16.71 28.77 -49.52
CA GLY A 85 -17.50 27.72 -50.12
C GLY A 85 -18.20 26.84 -49.10
N GLU A 86 -18.75 25.72 -49.56
CA GLU A 86 -19.46 24.80 -48.67
C GLU A 86 -19.61 23.47 -49.39
N ILE A 87 -19.10 22.39 -48.78
CA ILE A 87 -19.17 21.05 -49.35
C ILE A 87 -19.72 20.10 -48.30
N SER A 88 -20.17 18.94 -48.77
CA SER A 88 -20.78 17.95 -47.88
C SER A 88 -20.54 16.55 -48.43
N VAL A 89 -20.37 15.60 -47.52
CA VAL A 89 -20.23 14.19 -47.86
C VAL A 89 -20.97 13.38 -46.80
N SER A 90 -21.76 12.42 -47.23
CA SER A 90 -22.56 11.61 -46.33
C SER A 90 -21.98 10.20 -46.23
N THR A 91 -22.10 9.62 -45.04
CA THR A 91 -21.70 8.23 -44.80
C THR A 91 -22.80 7.54 -43.99
N ARG A 92 -22.87 6.23 -44.12
CA ARG A 92 -23.93 5.44 -43.50
C ARG A 92 -23.35 4.60 -42.37
N LEU A 93 -24.11 4.49 -41.28
CA LEU A 93 -23.78 3.62 -40.17
C LEU A 93 -24.77 2.46 -40.12
N THR A 94 -24.28 1.31 -39.68
CA THR A 94 -25.08 0.09 -39.60
C THR A 94 -24.90 -0.53 -38.22
N VAL A 95 -25.96 -0.52 -37.42
CA VAL A 95 -25.95 -1.08 -36.07
C VAL A 95 -26.89 -2.27 -36.04
N LEU A 96 -26.38 -3.41 -35.57
CA LEU A 96 -27.15 -4.66 -35.52
C LEU A 96 -27.08 -5.24 -34.11
N ARG A 97 -27.96 -6.20 -33.86
CA ARG A 97 -28.12 -6.78 -32.52
C ARG A 97 -26.95 -7.72 -32.21
N GLU A 98 -27.07 -8.46 -31.11
CA GLU A 98 -25.98 -9.35 -30.69
C GLU A 98 -25.94 -10.63 -31.51
N ASP A 99 -27.07 -11.05 -32.07
CA ASP A 99 -27.16 -12.33 -32.76
C ASP A 99 -26.87 -12.22 -34.26
N GLN A 100 -27.10 -11.05 -34.86
CA GLN A 100 -26.90 -10.88 -36.30
C GLN A 100 -25.45 -11.02 -36.73
N ILE A 101 -24.53 -11.16 -35.78
CA ILE A 101 -23.10 -11.24 -36.06
C ILE A 101 -22.79 -12.60 -36.68
N PRO A 102 -22.24 -12.65 -37.90
CA PRO A 102 -22.06 -13.93 -38.60
C PRO A 102 -20.70 -14.59 -38.34
N ARG A 103 -20.41 -15.64 -39.10
CA ARG A 103 -19.15 -16.34 -38.99
C ARG A 103 -18.04 -15.57 -39.68
N GLY A 104 -16.86 -15.56 -39.06
CA GLY A 104 -15.73 -14.81 -39.58
C GLY A 104 -15.74 -13.34 -39.26
N PHE A 105 -16.68 -12.88 -38.44
CA PHE A 105 -16.75 -11.48 -38.06
C PHE A 105 -15.53 -11.11 -37.21
N PRO A 106 -15.08 -9.84 -37.29
CA PRO A 106 -13.98 -9.40 -36.43
C PRO A 106 -14.22 -9.65 -34.96
N THR A 107 -13.36 -10.45 -34.34
CA THR A 107 -13.44 -10.76 -32.92
C THR A 107 -12.10 -10.45 -32.27
N ILE A 108 -12.13 -9.70 -31.18
CA ILE A 108 -10.92 -9.29 -30.48
C ILE A 108 -10.42 -10.47 -29.65
N ASP A 109 -9.28 -11.04 -30.04
CA ASP A 109 -8.69 -12.14 -29.28
C ASP A 109 -8.04 -11.62 -28.00
N MET A 110 -7.17 -10.61 -28.12
CA MET A 110 -6.47 -10.02 -26.98
C MET A 110 -6.57 -8.52 -27.09
N GLY A 111 -7.18 -7.89 -26.10
CA GLY A 111 -7.32 -6.45 -26.08
C GLY A 111 -6.05 -5.77 -25.62
N PRO A 112 -6.05 -4.43 -25.73
CA PRO A 112 -4.89 -3.67 -25.28
C PRO A 112 -4.67 -3.83 -23.78
N GLN A 113 -3.41 -3.75 -23.38
CA GLN A 113 -2.99 -4.02 -22.02
C GLN A 113 -2.49 -2.74 -21.36
N LEU A 114 -2.73 -2.63 -20.05
CA LEU A 114 -2.10 -1.58 -19.28
C LEU A 114 -0.59 -1.82 -19.24
N LYS A 115 0.17 -0.74 -19.39
CA LYS A 115 1.62 -0.88 -19.42
C LYS A 115 2.25 0.46 -19.09
N VAL A 116 3.45 0.40 -18.52
CA VAL A 116 4.29 1.58 -18.29
C VAL A 116 5.64 1.31 -18.95
N VAL A 117 6.21 2.34 -19.58
CA VAL A 117 7.43 2.18 -20.33
C VAL A 117 8.43 3.28 -19.96
N GLU A 118 9.68 3.05 -20.35
CA GLU A 118 10.76 3.98 -20.10
C GLU A 118 10.76 5.09 -21.15
N ARG A 119 11.37 6.22 -20.78
CA ARG A 119 11.36 7.40 -21.65
C ARG A 119 11.95 7.08 -23.02
N THR A 120 13.10 6.42 -23.05
CA THR A 120 13.78 6.15 -24.31
C THR A 120 13.68 4.71 -24.79
N ARG A 121 13.29 3.78 -23.93
CA ARG A 121 13.19 2.40 -24.36
C ARG A 121 11.93 2.19 -25.20
N THR A 122 11.85 1.01 -25.81
CA THR A 122 10.79 0.70 -26.75
C THR A 122 9.49 0.39 -26.03
N ALA A 123 8.41 1.05 -26.44
CA ALA A 123 7.08 0.79 -25.91
C ALA A 123 6.28 -0.02 -26.92
N THR A 124 5.62 -1.08 -26.45
CA THR A 124 4.92 -2.01 -27.32
C THR A 124 3.53 -2.29 -26.76
N MET A 125 2.51 -1.83 -27.48
CA MET A 125 1.11 -2.13 -27.18
C MET A 125 0.67 -3.28 -28.08
N LEU A 126 0.17 -4.35 -27.47
CA LEU A 126 -0.16 -5.57 -28.19
C LEU A 126 -1.68 -5.72 -28.30
N CYS A 127 -2.11 -6.23 -29.45
CA CYS A 127 -3.53 -6.43 -29.74
C CYS A 127 -3.67 -7.57 -30.73
N ALA A 128 -4.49 -8.55 -30.39
CA ALA A 128 -4.69 -9.73 -31.22
C ALA A 128 -6.16 -9.86 -31.59
N ALA A 129 -6.41 -10.21 -32.85
CA ALA A 129 -7.77 -10.38 -33.34
C ALA A 129 -7.74 -11.32 -34.53
N SER A 130 -8.83 -12.07 -34.71
CA SER A 130 -8.95 -13.02 -35.81
C SER A 130 -10.33 -12.92 -36.42
N GLY A 131 -10.40 -13.11 -37.73
CA GLY A 131 -11.66 -13.06 -38.44
C GLY A 131 -11.51 -13.62 -39.83
N ASN A 132 -12.65 -13.92 -40.44
CA ASN A 132 -12.70 -14.46 -41.80
C ASN A 132 -13.62 -13.57 -42.63
N PRO A 133 -13.09 -12.76 -43.55
CA PRO A 133 -11.66 -12.65 -43.90
C PRO A 133 -10.81 -11.98 -42.82
N ASP A 134 -9.49 -12.08 -42.95
CA ASP A 134 -8.58 -11.53 -41.96
C ASP A 134 -8.83 -10.04 -41.79
N PRO A 135 -9.16 -9.57 -40.59
CA PRO A 135 -9.49 -8.15 -40.41
C PRO A 135 -8.24 -7.29 -40.42
N GLU A 136 -8.46 -5.98 -40.56
CA GLU A 136 -7.40 -4.98 -40.57
C GLU A 136 -7.23 -4.40 -39.18
N ILE A 137 -5.98 -4.10 -38.82
CA ILE A 137 -5.64 -3.61 -37.49
C ILE A 137 -5.56 -2.08 -37.51
N THR A 138 -6.29 -1.44 -36.62
CA THR A 138 -6.26 0.01 -36.48
C THR A 138 -6.34 0.37 -34.99
N TRP A 139 -5.56 1.37 -34.59
CA TRP A 139 -5.48 1.79 -33.21
C TRP A 139 -6.10 3.18 -33.03
N PHE A 140 -6.62 3.44 -31.83
CA PHE A 140 -7.21 4.72 -31.49
C PHE A 140 -6.55 5.25 -30.22
N LYS A 141 -6.02 6.47 -30.30
CA LYS A 141 -5.40 7.14 -29.16
C LYS A 141 -6.26 8.33 -28.77
N ASP A 142 -6.95 8.23 -27.64
CA ASP A 142 -7.81 9.29 -27.13
C ASP A 142 -8.86 9.69 -28.17
N PHE A 143 -9.67 8.71 -28.55
CA PHE A 143 -10.78 8.87 -29.49
C PHE A 143 -10.32 9.31 -30.87
N LEU A 144 -9.02 9.22 -31.15
CA LEU A 144 -8.45 9.64 -32.43
C LEU A 144 -7.66 8.51 -33.06
N PRO A 145 -7.75 8.36 -34.38
CA PRO A 145 -6.97 7.31 -35.06
C PRO A 145 -5.48 7.60 -34.99
N VAL A 146 -4.69 6.55 -34.85
CA VAL A 146 -3.24 6.66 -34.72
C VAL A 146 -2.62 6.65 -36.10
N ASP A 147 -1.94 7.74 -36.46
CA ASP A 147 -1.33 7.89 -37.77
C ASP A 147 0.05 7.21 -37.76
N THR A 148 0.17 6.10 -38.49
CA THR A 148 1.42 5.36 -38.58
C THR A 148 1.85 5.13 -40.04
N SER A 149 1.37 5.96 -40.97
CA SER A 149 1.71 5.78 -42.37
C SER A 149 3.18 6.09 -42.64
N ASN A 150 3.77 6.99 -41.87
CA ASN A 150 5.18 7.35 -42.04
C ASN A 150 6.06 6.39 -41.24
N ASN A 151 7.05 5.81 -41.92
CA ASN A 151 7.98 4.88 -41.29
C ASN A 151 9.18 5.57 -40.67
N ASN A 152 9.42 6.85 -40.99
CA ASN A 152 10.55 7.58 -40.43
C ASN A 152 10.33 8.00 -38.99
N GLY A 153 9.08 8.04 -38.52
CA GLY A 153 8.82 8.46 -37.17
C GLY A 153 9.08 7.38 -36.14
N ARG A 154 8.95 7.77 -34.87
CA ARG A 154 9.16 6.83 -33.77
C ARG A 154 8.08 5.75 -33.73
N ILE A 155 6.86 6.09 -34.10
CA ILE A 155 5.75 5.14 -34.07
C ILE A 155 5.83 4.25 -35.30
N LYS A 156 5.72 2.94 -35.09
CA LYS A 156 5.78 1.96 -36.17
C LYS A 156 4.66 0.96 -36.01
N GLN A 157 4.21 0.41 -37.13
CA GLN A 157 3.14 -0.57 -37.16
C GLN A 157 3.76 -1.96 -37.30
N LEU A 158 3.75 -2.72 -36.21
CA LEU A 158 4.20 -4.10 -36.25
C LEU A 158 3.11 -4.96 -36.85
N ARG A 159 3.45 -5.76 -37.84
CA ARG A 159 2.49 -6.61 -38.54
C ARG A 159 3.18 -7.94 -38.87
N SER A 160 3.09 -8.88 -37.93
CA SER A 160 3.55 -10.24 -38.14
C SER A 160 2.46 -11.04 -38.84
N GLU A 161 2.86 -12.19 -39.40
CA GLU A 161 1.90 -13.04 -40.10
C GLU A 161 0.79 -13.51 -39.17
N SER A 162 1.14 -13.87 -37.94
CA SER A 162 0.15 -14.28 -36.95
C SER A 162 -0.73 -13.10 -36.55
N ILE A 163 -0.16 -12.18 -35.78
CA ILE A 163 -0.87 -11.00 -35.31
C ILE A 163 0.04 -9.78 -35.43
N GLY A 164 -0.57 -8.62 -35.65
CA GLY A 164 0.15 -7.36 -35.65
C GLY A 164 -0.19 -6.51 -34.44
N ALA A 165 0.71 -5.62 -34.06
CA ALA A 165 0.52 -4.79 -32.87
C ALA A 165 1.05 -3.39 -33.16
N LEU A 166 1.36 -2.65 -32.10
CA LEU A 166 1.82 -1.26 -32.19
C LEU A 166 3.07 -1.10 -31.34
N GLN A 167 4.07 -0.42 -31.92
CA GLN A 167 5.39 -0.28 -31.30
C GLN A 167 5.82 1.18 -31.33
N ILE A 168 6.40 1.64 -30.22
CA ILE A 168 6.91 3.00 -30.09
C ILE A 168 8.37 2.91 -29.67
N GLU A 169 9.24 3.59 -30.42
CA GLU A 169 10.68 3.46 -30.22
C GLU A 169 11.16 4.33 -29.06
N GLN A 170 10.94 5.64 -29.17
CA GLN A 170 11.28 6.58 -28.11
C GLN A 170 9.98 7.21 -27.60
N SER A 171 9.78 7.14 -26.29
CA SER A 171 8.53 7.59 -25.69
C SER A 171 8.64 9.03 -25.20
N GLU A 172 7.49 9.72 -25.19
CA GLU A 172 7.36 11.07 -24.67
C GLU A 172 6.13 11.15 -23.80
N GLU A 173 5.89 12.33 -23.22
CA GLU A 173 4.67 12.52 -22.45
C GLU A 173 3.43 12.45 -23.33
N SER A 174 3.58 12.75 -24.63
CA SER A 174 2.43 12.69 -25.53
C SER A 174 1.87 11.29 -25.64
N ASP A 175 2.72 10.26 -25.55
CA ASP A 175 2.25 8.88 -25.64
C ASP A 175 1.35 8.50 -24.47
N GLN A 176 1.39 9.24 -23.37
CA GLN A 176 0.59 8.92 -22.20
C GLN A 176 -0.87 9.20 -22.50
N GLY A 177 -1.68 8.16 -22.58
CA GLY A 177 -3.09 8.33 -22.87
C GLY A 177 -3.79 6.99 -22.95
N LYS A 178 -5.05 7.04 -23.39
CA LYS A 178 -5.86 5.85 -23.55
C LYS A 178 -5.70 5.29 -24.95
N TYR A 179 -5.46 3.99 -25.04
CA TYR A 179 -5.28 3.29 -26.30
C TYR A 179 -6.30 2.17 -26.41
N GLU A 180 -6.95 2.08 -27.57
CA GLU A 180 -7.92 1.02 -27.86
C GLU A 180 -7.74 0.58 -29.30
N CYS A 181 -7.73 -0.73 -29.51
CA CYS A 181 -7.63 -1.29 -30.86
C CYS A 181 -8.97 -1.86 -31.27
N VAL A 182 -9.12 -2.03 -32.59
CA VAL A 182 -10.37 -2.50 -33.16
C VAL A 182 -10.07 -3.10 -34.53
N ALA A 183 -10.73 -4.22 -34.83
CA ALA A 183 -10.60 -4.90 -36.11
C ALA A 183 -11.76 -4.53 -37.01
N THR A 184 -11.48 -4.43 -38.31
CA THR A 184 -12.50 -4.02 -39.28
C THR A 184 -12.23 -4.70 -40.61
N ASN A 185 -13.23 -5.37 -41.14
CA ASN A 185 -13.18 -5.94 -42.50
C ASN A 185 -14.47 -5.53 -43.22
N SER A 186 -14.84 -6.32 -44.23
CA SER A 186 -16.10 -6.07 -44.93
C SER A 186 -17.32 -6.50 -44.12
N ALA A 187 -17.14 -7.39 -43.14
CA ALA A 187 -18.28 -7.84 -42.34
C ALA A 187 -18.74 -6.74 -41.39
N GLY A 188 -17.84 -6.17 -40.60
CA GLY A 188 -18.21 -5.12 -39.68
C GLY A 188 -17.07 -4.57 -38.85
N THR A 189 -17.39 -4.07 -37.67
CA THR A 189 -16.41 -3.42 -36.81
C THR A 189 -16.77 -3.68 -35.35
N ARG A 190 -15.81 -4.22 -34.59
CA ARG A 190 -16.02 -4.53 -33.17
C ARG A 190 -14.82 -4.04 -32.38
N TYR A 191 -15.06 -3.12 -31.44
CA TYR A 191 -13.99 -2.54 -30.65
C TYR A 191 -13.67 -3.41 -29.44
N SER A 192 -12.55 -3.07 -28.78
CA SER A 192 -12.22 -3.58 -27.47
C SER A 192 -11.98 -2.40 -26.53
N ALA A 193 -12.31 -2.60 -25.26
CA ALA A 193 -12.24 -1.52 -24.31
C ALA A 193 -10.81 -0.96 -24.22
N PRO A 194 -10.66 0.34 -24.00
CA PRO A 194 -9.33 0.94 -24.05
C PRO A 194 -8.45 0.50 -22.89
N ALA A 195 -7.15 0.76 -23.04
CA ALA A 195 -6.16 0.48 -22.01
C ALA A 195 -5.26 1.70 -21.87
N ASN A 196 -5.25 2.29 -20.68
CA ASN A 196 -4.44 3.48 -20.44
C ASN A 196 -2.95 3.13 -20.48
N LEU A 197 -2.16 4.06 -21.01
CA LEU A 197 -0.71 3.92 -21.09
C LEU A 197 -0.05 5.07 -20.34
N TYR A 198 0.89 4.73 -19.45
CA TYR A 198 1.62 5.70 -18.65
C TYR A 198 3.09 5.66 -19.02
N VAL A 199 3.73 6.83 -19.09
CA VAL A 199 5.14 6.95 -19.48
C VAL A 199 5.93 7.77 -18.47
N ARG A 200 6.36 7.12 -17.39
CA ARG A 200 7.22 7.69 -16.37
C ARG A 200 7.97 6.52 -15.76
N VAL A 201 9.29 6.67 -15.59
CA VAL A 201 10.19 5.54 -15.38
C VAL A 201 11.31 5.95 -14.42
N ARG A 202 12.22 4.99 -14.20
CA ARG A 202 13.23 5.04 -13.14
C ARG A 202 14.57 5.51 -13.71
N ARG A 203 14.87 6.79 -13.51
CA ARG A 203 16.24 7.28 -13.55
C ARG A 203 16.26 8.60 -12.79
N VAL A 204 16.11 8.53 -11.48
CA VAL A 204 15.93 9.68 -10.62
C VAL A 204 17.15 9.80 -9.72
N PRO A 205 17.73 10.99 -9.58
CA PRO A 205 18.88 11.16 -8.67
C PRO A 205 18.53 10.72 -7.25
N PRO A 206 19.53 10.33 -6.46
CA PRO A 206 19.23 9.79 -5.12
C PRO A 206 18.61 10.84 -4.21
N ARG A 207 17.68 10.38 -3.37
CA ARG A 207 17.07 11.21 -2.35
C ARG A 207 17.22 10.54 -1.00
N PHE A 208 17.35 11.34 0.05
CA PHE A 208 17.42 10.79 1.40
C PHE A 208 16.06 10.27 1.81
N SER A 209 15.96 8.96 2.03
CA SER A 209 14.71 8.34 2.43
C SER A 209 14.53 8.37 3.95
N ILE A 210 15.56 8.03 4.69
CA ILE A 210 15.59 8.18 6.14
C ILE A 210 16.76 9.09 6.48
N PRO A 211 16.50 10.38 6.67
CA PRO A 211 17.60 11.32 6.94
C PRO A 211 18.16 11.10 8.33
N PRO A 212 19.43 11.39 8.56
CA PRO A 212 20.00 11.25 9.90
C PRO A 212 19.42 12.30 10.84
N THR A 213 19.00 11.87 12.02
CA THR A 213 18.40 12.72 13.02
C THR A 213 19.39 13.00 14.14
N ASN A 214 19.52 14.27 14.52
CA ASN A 214 20.40 14.65 15.60
C ASN A 214 19.87 14.16 16.94
N HIS A 215 20.78 13.94 17.90
CA HIS A 215 20.42 13.43 19.20
C HIS A 215 21.31 14.07 20.26
N GLU A 216 21.06 13.72 21.52
CA GLU A 216 21.90 14.16 22.63
C GLU A 216 21.82 13.15 23.76
N ILE A 217 22.97 12.59 24.14
CA ILE A 217 23.09 11.69 25.28
C ILE A 217 24.32 12.11 26.06
N MET A 218 24.40 11.64 27.31
CA MET A 218 25.59 11.85 28.10
C MET A 218 26.81 11.28 27.37
N PRO A 219 27.96 11.94 27.42
CA PRO A 219 29.12 11.45 26.67
C PRO A 219 29.54 10.07 27.17
N GLY A 220 29.88 9.20 26.21
CA GLY A 220 30.23 7.81 26.48
C GLY A 220 29.20 6.82 25.99
N GLY A 221 27.92 7.20 25.98
CA GLY A 221 26.85 6.29 25.66
C GLY A 221 26.69 5.95 24.19
N SER A 222 27.22 4.79 23.80
CA SER A 222 27.17 4.38 22.40
C SER A 222 25.73 4.26 21.92
N VAL A 223 25.54 4.49 20.62
CA VAL A 223 24.22 4.42 20.00
C VAL A 223 24.40 4.13 18.52
N ASN A 224 23.54 3.26 17.99
CA ASN A 224 23.57 2.89 16.58
C ASN A 224 22.53 3.73 15.84
N ILE A 225 22.99 4.55 14.89
CA ILE A 225 22.15 5.50 14.17
C ILE A 225 22.08 5.07 12.71
N THR A 226 20.99 5.47 12.04
CA THR A 226 20.65 4.98 10.70
C THR A 226 20.59 6.13 9.70
N CYS A 227 21.15 5.89 8.50
CA CYS A 227 20.99 6.77 7.35
C CYS A 227 20.69 5.92 6.14
N VAL A 228 19.56 6.20 5.48
CA VAL A 228 19.11 5.43 4.33
C VAL A 228 18.93 6.37 3.14
N ALA A 229 19.41 5.95 1.98
CA ALA A 229 19.27 6.69 0.74
C ALA A 229 18.79 5.77 -0.36
N VAL A 230 17.83 6.24 -1.16
CA VAL A 230 17.22 5.43 -2.20
C VAL A 230 17.34 6.12 -3.55
N GLY A 231 16.77 5.50 -4.59
CA GLY A 231 16.86 5.99 -5.94
C GLY A 231 17.23 4.91 -6.95
N SER A 232 17.03 5.17 -8.23
CA SER A 232 17.34 4.22 -9.28
C SER A 232 18.32 4.87 -10.26
N PRO A 233 19.55 4.34 -10.42
CA PRO A 233 20.04 3.16 -9.71
C PRO A 233 20.36 3.44 -8.25
N MET A 234 20.49 2.40 -7.46
CA MET A 234 20.68 2.57 -6.02
C MET A 234 22.04 3.19 -5.75
N PRO A 235 22.12 4.26 -4.96
CA PRO A 235 23.38 4.96 -4.74
C PRO A 235 24.18 4.37 -3.58
N TYR A 236 25.48 4.61 -3.63
CA TYR A 236 26.35 4.24 -2.53
C TYR A 236 26.14 5.21 -1.38
N VAL A 237 26.00 4.67 -0.17
CA VAL A 237 25.77 5.46 1.04
C VAL A 237 27.05 5.46 1.86
N LYS A 238 27.58 6.66 2.13
CA LYS A 238 28.85 6.83 2.81
C LYS A 238 28.67 7.78 3.98
N TRP A 239 29.21 7.41 5.14
CA TRP A 239 29.28 8.30 6.29
C TRP A 239 30.60 9.06 6.27
N MET A 240 30.52 10.36 6.53
CA MET A 240 31.68 11.24 6.40
C MET A 240 31.68 12.22 7.57
N LEU A 241 32.83 12.36 8.22
CA LEU A 241 32.98 13.31 9.32
C LEU A 241 33.08 14.75 8.83
N GLY A 242 33.31 14.97 7.54
CA GLY A 242 33.59 16.28 7.00
C GLY A 242 35.02 16.46 6.54
N ALA A 243 35.88 15.49 6.83
CA ALA A 243 37.28 15.56 6.40
C ALA A 243 37.74 14.18 5.95
N GLU A 244 37.45 13.16 6.75
CA GLU A 244 37.82 11.79 6.43
C GLU A 244 36.57 10.92 6.42
N ASP A 245 36.61 9.87 5.60
CA ASP A 245 35.48 8.95 5.48
C ASP A 245 35.58 7.87 6.55
N LEU A 246 34.47 7.66 7.26
CA LEU A 246 34.47 6.65 8.33
C LEU A 246 34.40 5.24 7.77
N THR A 247 33.85 5.09 6.57
CA THR A 247 33.68 3.82 5.88
C THR A 247 34.90 3.48 5.03
N PRO A 248 35.21 2.19 4.85
CA PRO A 248 36.44 1.81 4.15
C PRO A 248 36.41 2.10 2.65
N GLU A 249 35.27 2.51 2.10
CA GLU A 249 35.12 2.85 0.68
C GLU A 249 35.27 1.63 -0.23
N ASP A 250 36.27 0.78 0.03
CA ASP A 250 36.47 -0.41 -0.77
C ASP A 250 35.22 -1.29 -0.76
N ASP A 251 34.66 -1.52 0.42
CA ASP A 251 33.45 -2.31 0.58
C ASP A 251 32.34 -1.49 1.21
N MET A 252 32.15 -0.26 0.72
CA MET A 252 31.07 0.56 1.23
C MET A 252 29.73 0.01 0.76
N PRO A 253 28.70 0.03 1.60
CA PRO A 253 27.42 -0.59 1.24
C PRO A 253 26.64 0.29 0.28
N ILE A 254 25.46 -0.22 -0.09
CA ILE A 254 24.57 0.48 -1.02
C ILE A 254 23.18 0.47 -0.40
N GLY A 255 22.57 1.66 -0.30
CA GLY A 255 21.20 1.76 0.17
C GLY A 255 21.03 2.09 1.63
N ARG A 256 21.86 1.51 2.49
CA ARG A 256 21.74 1.69 3.93
C ARG A 256 23.11 1.52 4.58
N ASN A 257 23.49 2.47 5.43
CA ASN A 257 24.79 2.44 6.11
C ASN A 257 24.60 3.01 7.52
N VAL A 258 24.31 2.13 8.48
CA VAL A 258 24.15 2.54 9.87
C VAL A 258 25.52 2.79 10.47
N LEU A 259 25.63 3.87 11.24
CA LEU A 259 26.88 4.30 11.84
C LEU A 259 26.87 4.00 13.33
N GLU A 260 27.96 3.42 13.83
CA GLU A 260 28.11 3.12 15.25
C GLU A 260 29.00 4.19 15.88
N LEU A 261 28.47 4.85 16.90
CA LEU A 261 29.20 5.85 17.67
C LEU A 261 29.75 5.18 18.92
N ASN A 262 31.06 5.00 18.97
CA ASN A 262 31.72 4.37 20.11
C ASN A 262 32.45 5.41 20.93
N ASP A 263 32.48 5.21 22.24
CA ASP A 263 33.20 6.08 23.18
C ASP A 263 32.85 7.54 22.92
N VAL A 264 31.53 7.81 23.00
CA VAL A 264 31.02 9.15 22.72
C VAL A 264 31.66 10.13 23.69
N ARG A 265 32.33 11.15 23.16
CA ARG A 265 33.03 12.04 24.06
C ARG A 265 32.65 13.48 23.78
N GLN A 266 33.03 13.97 22.61
CA GLN A 266 32.77 15.34 22.21
C GLN A 266 31.72 15.38 21.11
N SER A 267 30.97 16.47 21.07
CA SER A 267 30.02 16.70 19.99
C SER A 267 30.76 16.87 18.66
N ALA A 268 30.03 16.64 17.57
CA ALA A 268 30.60 16.79 16.23
C ALA A 268 29.47 16.79 15.22
N ASN A 269 29.72 17.46 14.09
CA ASN A 269 28.78 17.47 12.97
C ASN A 269 29.12 16.30 12.05
N TYR A 270 28.26 15.30 12.00
CA TYR A 270 28.42 14.18 11.09
C TYR A 270 27.66 14.43 9.79
N THR A 271 28.14 13.81 8.71
CA THR A 271 27.60 14.03 7.37
C THR A 271 27.42 12.70 6.67
N CYS A 272 26.17 12.33 6.39
CA CYS A 272 25.86 11.16 5.59
C CYS A 272 25.82 11.58 4.12
N VAL A 273 26.72 11.00 3.31
CA VAL A 273 26.86 11.35 1.90
C VAL A 273 26.37 10.18 1.05
N ALA A 274 25.46 10.46 0.14
CA ALA A 274 24.93 9.48 -0.81
C ALA A 274 25.20 9.97 -2.22
N MET A 275 25.99 9.22 -2.97
CA MET A 275 26.42 9.62 -4.30
C MET A 275 26.06 8.53 -5.30
N SER A 276 25.67 8.96 -6.51
CA SER A 276 25.32 8.06 -7.59
C SER A 276 25.81 8.69 -8.90
N THR A 277 25.59 7.97 -10.00
CA THR A 277 25.93 8.52 -11.32
C THR A 277 25.06 9.72 -11.68
N LEU A 278 23.89 9.86 -11.06
CA LEU A 278 22.96 10.94 -11.37
C LEU A 278 23.21 12.18 -10.54
N GLY A 279 23.44 12.02 -9.24
CA GLY A 279 23.69 13.16 -8.38
C GLY A 279 24.29 12.73 -7.06
N VAL A 280 24.69 13.72 -6.26
CA VAL A 280 25.27 13.51 -4.95
C VAL A 280 24.57 14.42 -3.96
N ILE A 281 24.23 13.89 -2.79
CA ILE A 281 23.51 14.61 -1.76
C ILE A 281 24.25 14.50 -0.43
N GLU A 282 23.98 15.45 0.46
CA GLU A 282 24.63 15.51 1.77
C GLU A 282 23.59 15.81 2.83
N ALA A 283 23.77 15.23 4.02
CA ALA A 283 22.90 15.46 5.15
C ALA A 283 23.74 15.56 6.41
N ILE A 284 23.46 16.57 7.23
CA ILE A 284 24.25 16.84 8.43
C ILE A 284 23.48 16.35 9.64
N ALA A 285 24.22 15.85 10.64
CA ALA A 285 23.64 15.41 11.91
C ALA A 285 24.28 16.19 13.05
N GLN A 286 23.44 16.82 13.87
CA GLN A 286 23.90 17.64 14.99
C GLN A 286 24.07 16.76 16.23
N ILE A 287 25.10 15.92 16.20
CA ILE A 287 25.45 15.11 17.35
C ILE A 287 26.02 16.05 18.42
N THR A 288 25.24 16.29 19.48
CA THR A 288 25.64 17.19 20.55
C THR A 288 25.61 16.43 21.86
N VAL A 289 26.77 16.32 22.52
CA VAL A 289 26.81 15.72 23.85
C VAL A 289 26.24 16.72 24.85
N LYS A 290 25.58 16.18 25.87
CA LYS A 290 25.01 17.03 26.92
C LYS A 290 26.13 17.68 27.71
N ALA A 291 26.18 19.01 27.66
CA ALA A 291 27.25 19.77 28.29
C ALA A 291 26.84 20.27 29.66
N LEU A 292 27.84 20.56 30.49
CA LEU A 292 27.61 21.04 31.84
C LEU A 292 27.20 22.50 31.84
N PRO A 293 26.46 22.95 32.85
CA PRO A 293 26.07 24.36 32.92
C PRO A 293 27.27 25.23 33.28
N LYS A 294 27.23 26.46 32.76
CA LYS A 294 28.26 27.43 33.10
C LYS A 294 28.07 27.91 34.53
N PRO A 295 29.10 28.49 35.14
CA PRO A 295 28.99 28.97 36.52
C PRO A 295 27.89 30.01 36.65
N PRO A 296 27.14 30.00 37.75
CA PRO A 296 26.06 30.97 37.93
C PRO A 296 26.60 32.39 38.06
N GLY A 297 25.66 33.34 38.08
CA GLY A 297 26.02 34.72 38.29
C GLY A 297 26.49 34.98 39.70
N THR A 298 27.11 36.13 39.90
CA THR A 298 27.67 36.47 41.20
C THR A 298 26.55 36.79 42.18
N PRO A 299 26.50 36.12 43.33
CA PRO A 299 25.43 36.43 44.30
C PRO A 299 25.69 37.73 45.03
N VAL A 300 24.64 38.23 45.68
CA VAL A 300 24.67 39.49 46.42
C VAL A 300 24.03 39.27 47.78
N VAL A 301 24.65 39.86 48.81
CA VAL A 301 24.11 39.77 50.18
C VAL A 301 22.94 40.74 50.29
N THR A 302 21.76 40.19 50.57
CA THR A 302 20.55 41.00 50.68
C THR A 302 20.23 41.38 52.13
N GLU A 303 20.25 40.41 53.04
CA GLU A 303 19.94 40.64 54.44
C GLU A 303 21.14 40.21 55.28
N SER A 304 21.55 41.08 56.19
CA SER A 304 22.73 40.85 57.02
C SER A 304 22.31 40.75 58.47
N THR A 305 22.11 39.53 58.94
CA THR A 305 21.83 39.25 60.35
C THR A 305 23.11 38.78 61.03
N ALA A 306 23.13 38.89 62.36
CA ALA A 306 24.31 38.48 63.11
C ALA A 306 24.61 37.01 62.91
N THR A 307 23.58 36.16 62.91
CA THR A 307 23.77 34.72 62.81
C THR A 307 23.29 34.13 61.49
N SER A 308 22.85 34.95 60.53
CA SER A 308 22.37 34.44 59.26
C SER A 308 22.61 35.48 58.18
N ILE A 309 22.68 35.00 56.94
CA ILE A 309 22.91 35.85 55.78
C ILE A 309 22.05 35.34 54.62
N THR A 310 21.33 36.24 53.97
CA THR A 310 20.47 35.90 52.84
C THR A 310 21.16 36.30 51.54
N LEU A 311 21.10 35.41 50.54
CA LEU A 311 21.79 35.61 49.27
C LEU A 311 20.82 35.43 48.11
N THR A 312 21.01 36.24 47.07
CA THR A 312 20.30 36.08 45.80
C THR A 312 21.32 36.10 44.67
N TRP A 313 21.12 35.24 43.67
CA TRP A 313 22.10 35.05 42.63
C TRP A 313 21.42 34.89 41.28
N ASP A 314 22.22 35.04 40.23
CA ASP A 314 21.77 34.83 38.86
C ASP A 314 22.10 33.41 38.41
N SER A 315 21.26 32.89 37.51
CA SER A 315 21.48 31.53 37.01
C SER A 315 22.70 31.45 36.11
N GLY A 316 22.92 32.46 35.26
CA GLY A 316 24.10 32.51 34.42
C GLY A 316 24.10 31.49 33.31
N ASN A 317 23.01 30.74 33.18
CA ASN A 317 22.91 29.69 32.19
C ASN A 317 21.68 29.90 31.32
N PRO A 318 21.79 29.82 30.00
CA PRO A 318 20.59 29.91 29.16
C PRO A 318 19.67 28.71 29.30
N GLU A 319 20.21 27.53 29.64
CA GLU A 319 19.45 26.30 29.86
C GLU A 319 19.03 26.19 31.33
N PRO A 320 17.91 25.50 31.60
CA PRO A 320 17.46 25.38 32.99
C PRO A 320 18.44 24.61 33.85
N VAL A 321 18.31 24.82 35.17
CA VAL A 321 19.16 24.19 36.17
C VAL A 321 18.28 23.44 37.15
N SER A 322 18.74 22.26 37.57
CA SER A 322 17.95 21.42 38.46
C SER A 322 17.85 22.03 39.85
N TYR A 323 18.98 22.25 40.50
CA TYR A 323 19.01 22.86 41.82
C TYR A 323 20.30 23.67 41.97
N TYR A 324 20.44 24.33 43.11
CA TYR A 324 21.62 25.13 43.40
C TYR A 324 22.23 24.65 44.71
N ILE A 325 23.56 24.61 44.75
CA ILE A 325 24.31 24.20 45.93
C ILE A 325 25.00 25.44 46.48
N ILE A 326 24.72 25.76 47.74
CA ILE A 326 25.36 26.87 48.44
C ILE A 326 26.54 26.31 49.23
N GLN A 327 27.69 26.95 49.10
CA GLN A 327 28.93 26.51 49.73
C GLN A 327 29.41 27.60 50.68
N HIS A 328 29.26 27.38 51.98
CA HIS A 328 29.64 28.35 52.99
C HIS A 328 30.81 27.83 53.81
N LYS A 329 31.71 28.74 54.18
CA LYS A 329 32.88 28.44 55.00
C LYS A 329 33.49 29.75 55.47
N PRO A 330 34.41 29.74 56.44
CA PRO A 330 35.09 30.98 56.83
C PRO A 330 35.81 31.63 55.66
N LYS A 331 36.28 32.87 55.89
CA LYS A 331 36.83 33.68 54.82
C LYS A 331 38.11 33.08 54.24
N ASN A 332 39.19 33.07 55.03
CA ASN A 332 40.49 32.61 54.56
C ASN A 332 40.77 31.15 54.91
N SER A 333 39.77 30.42 55.39
CA SER A 333 39.97 29.01 55.72
C SER A 333 40.19 28.19 54.47
N GLU A 334 41.15 27.26 54.54
CA GLU A 334 41.42 26.34 53.44
C GLU A 334 40.61 25.05 53.55
N GLU A 335 39.54 25.05 54.36
CA GLU A 335 38.70 23.88 54.54
C GLU A 335 37.77 23.71 53.34
N PRO A 336 37.52 22.47 52.92
CA PRO A 336 36.51 22.25 51.88
C PRO A 336 35.17 22.86 52.29
N TYR A 337 34.55 23.54 51.33
CA TYR A 337 33.32 24.28 51.60
C TYR A 337 32.25 23.35 52.17
N LYS A 338 31.64 23.76 53.28
CA LYS A 338 30.46 23.08 53.79
C LYS A 338 29.29 23.42 52.88
N GLU A 339 28.69 22.40 52.27
CA GLU A 339 27.72 22.58 51.20
C GLU A 339 26.29 22.41 51.71
N ILE A 340 25.41 23.30 51.27
CA ILE A 340 23.98 23.18 51.51
C ILE A 340 23.33 22.68 50.22
N ASP A 341 22.67 21.52 50.28
CA ASP A 341 22.13 20.87 49.11
C ASP A 341 20.60 20.95 49.12
N GLY A 342 20.02 20.90 47.92
CA GLY A 342 18.58 20.87 47.79
C GLY A 342 17.91 22.23 47.74
N ILE A 343 18.61 23.26 47.28
CA ILE A 343 18.06 24.61 47.20
C ILE A 343 17.48 24.79 45.81
N ALA A 344 16.15 24.94 45.73
CA ALA A 344 15.45 24.98 44.46
C ALA A 344 15.05 26.38 44.04
N THR A 345 15.58 27.41 44.70
CA THR A 345 15.27 28.80 44.36
C THR A 345 16.58 29.56 44.17
N THR A 346 16.46 30.77 43.62
CA THR A 346 17.60 31.65 43.43
C THR A 346 17.91 32.48 44.68
N ARG A 347 17.24 32.20 45.79
CA ARG A 347 17.44 32.93 47.04
C ARG A 347 17.40 31.94 48.20
N TYR A 348 18.36 32.07 49.12
CA TYR A 348 18.41 31.19 50.27
C TYR A 348 19.14 31.90 51.41
N SER A 349 18.63 31.73 52.62
CA SER A 349 19.21 32.32 53.82
C SER A 349 20.03 31.25 54.54
N VAL A 350 21.32 31.51 54.71
CA VAL A 350 22.21 30.57 55.38
C VAL A 350 22.13 30.80 56.89
N ALA A 351 21.68 29.80 57.61
CA ALA A 351 21.53 29.87 59.05
C ALA A 351 22.63 29.10 59.76
N GLY A 352 22.90 29.49 61.01
CA GLY A 352 23.93 28.85 61.79
C GLY A 352 25.27 29.54 61.77
N LEU A 353 25.39 30.68 61.11
CA LEU A 353 26.67 31.36 61.02
C LEU A 353 27.05 32.00 62.35
N SER A 354 28.33 31.86 62.71
CA SER A 354 28.84 32.54 63.90
C SER A 354 28.98 34.03 63.63
N PRO A 355 28.55 34.88 64.56
CA PRO A 355 28.52 36.32 64.28
C PRO A 355 29.93 36.91 64.20
N TYR A 356 29.96 38.15 63.70
CA TYR A 356 31.18 38.93 63.47
C TYR A 356 32.33 38.06 62.97
N SER A 357 32.07 37.38 61.86
CA SER A 357 33.08 36.58 61.17
C SER A 357 32.83 36.70 59.67
N ASP A 358 33.83 37.19 58.94
CA ASP A 358 33.70 37.32 57.49
C ASP A 358 33.59 35.95 56.84
N TYR A 359 32.60 35.78 55.98
CA TYR A 359 32.38 34.51 55.31
C TYR A 359 32.51 34.68 53.80
N GLU A 360 32.67 33.55 53.12
CA GLU A 360 32.73 33.50 51.66
C GLU A 360 31.68 32.51 51.17
N PHE A 361 30.83 32.97 50.25
CA PHE A 361 29.72 32.17 49.74
C PHE A 361 29.89 31.96 48.24
N ARG A 362 29.69 30.71 47.79
CA ARG A 362 29.73 30.35 46.39
C ARG A 362 28.47 29.59 46.02
N VAL A 363 27.93 29.89 44.84
CA VAL A 363 26.75 29.22 44.31
C VAL A 363 27.19 28.27 43.20
N VAL A 364 26.61 27.08 43.20
CA VAL A 364 26.97 26.03 42.25
C VAL A 364 25.73 25.64 41.45
N ALA A 365 25.84 25.68 40.13
CA ALA A 365 24.77 25.24 39.24
C ALA A 365 24.99 23.79 38.87
N VAL A 366 24.00 22.95 39.15
CA VAL A 366 24.07 21.52 38.84
C VAL A 366 22.76 21.11 38.19
N ASN A 367 22.85 20.40 37.07
CA ASN A 367 21.68 19.88 36.39
C ASN A 367 21.73 18.36 36.32
N ASN A 368 20.92 17.76 35.43
CA ASN A 368 21.04 16.33 35.17
C ASN A 368 22.38 15.96 34.54
N ILE A 369 23.06 16.94 33.94
CA ILE A 369 24.31 16.65 33.23
C ILE A 369 25.46 16.50 34.21
N GLY A 370 25.39 17.16 35.36
CA GLY A 370 26.44 17.11 36.35
C GLY A 370 26.61 18.46 37.00
N ARG A 371 27.69 18.60 37.76
CA ARG A 371 27.95 19.78 38.57
C ARG A 371 28.80 20.77 37.77
N GLY A 372 28.22 21.92 37.43
CA GLY A 372 28.92 22.94 36.69
C GLY A 372 29.90 23.69 37.56
N PRO A 373 30.71 24.54 36.91
CA PRO A 373 31.70 25.32 37.67
C PRO A 373 31.03 26.22 38.70
N ALA A 374 31.78 26.52 39.76
CA ALA A 374 31.27 27.37 40.82
C ALA A 374 31.22 28.82 40.37
N SER A 375 30.21 29.53 40.87
CA SER A 375 30.04 30.94 40.55
C SER A 375 31.14 31.76 41.22
N GLU A 376 31.10 33.06 40.99
CA GLU A 376 32.08 33.93 41.62
C GLU A 376 31.69 34.20 43.07
N PRO A 377 32.65 34.20 43.99
CA PRO A 377 32.33 34.37 45.41
C PRO A 377 32.18 35.83 45.80
N VAL A 378 31.68 36.04 47.02
CA VAL A 378 31.49 37.37 47.60
C VAL A 378 31.87 37.33 49.08
N LEU A 379 31.96 38.51 49.70
CA LEU A 379 32.28 38.66 51.10
C LEU A 379 31.42 39.76 51.72
N THR A 380 31.05 39.57 52.98
CA THR A 380 30.33 40.58 53.75
C THR A 380 31.17 40.94 54.98
N GLN A 381 30.78 42.03 55.64
CA GLN A 381 31.53 42.58 56.77
C GLN A 381 30.61 42.71 57.98
N LYS A 382 30.77 41.81 58.94
CA LYS A 382 30.10 41.89 60.23
C LYS A 382 31.16 42.00 61.32
N HIS A 383 30.99 42.96 62.22
CA HIS A 383 31.99 43.23 63.25
C HIS A 383 31.31 43.48 64.59
N HIS A 384 31.83 42.84 65.64
CA HIS A 384 31.43 43.12 67.00
C HIS A 384 32.69 43.42 67.81
N HIS A 385 32.52 44.16 68.90
CA HIS A 385 33.63 44.61 69.71
C HIS A 385 33.40 44.22 71.16
N HIS A 386 34.43 43.68 71.80
CA HIS A 386 34.38 43.33 73.22
C HIS A 386 35.33 44.19 74.03
N PRO B 1 -17.68 4.22 35.67
CA PRO B 1 -16.37 4.81 35.37
C PRO B 1 -15.98 4.64 33.91
N ALA B 2 -16.70 5.29 33.00
CA ALA B 2 -16.40 5.18 31.59
C ALA B 2 -15.13 5.96 31.25
N PRO B 3 -14.27 5.42 30.39
CA PRO B 3 -13.02 6.13 30.07
C PRO B 3 -13.28 7.29 29.12
N THR B 4 -12.55 8.38 29.35
CA THR B 4 -12.65 9.59 28.54
C THR B 4 -11.29 9.85 27.88
N VAL B 5 -11.32 10.07 26.57
CA VAL B 5 -10.11 10.36 25.80
C VAL B 5 -10.39 11.56 24.90
N ASN B 6 -9.54 12.57 25.00
CA ASN B 6 -9.65 13.76 24.17
C ASN B 6 -8.95 13.54 22.83
N THR B 7 -9.51 14.11 21.77
CA THR B 7 -8.94 14.03 20.43
C THR B 7 -8.89 15.44 19.83
N HIS B 8 -8.34 15.53 18.62
CA HIS B 8 -8.31 16.79 17.89
C HIS B 8 -9.66 17.15 17.28
N PHE B 9 -10.68 16.31 17.47
CA PHE B 9 -12.02 16.55 16.93
C PHE B 9 -13.11 16.41 17.98
N GLY B 10 -12.75 16.23 19.24
CA GLY B 10 -13.73 16.12 20.32
C GLY B 10 -13.42 14.95 21.23
N LYS B 11 -14.14 14.91 22.35
CA LYS B 11 -13.97 13.89 23.35
C LYS B 11 -14.82 12.66 23.02
N LEU B 12 -14.32 11.49 23.42
CA LEU B 12 -14.97 10.22 23.14
C LEU B 12 -15.08 9.40 24.42
N ARG B 13 -16.24 8.77 24.61
CA ARG B 13 -16.51 7.92 25.76
C ARG B 13 -16.50 6.46 25.31
N GLY B 14 -15.64 5.66 25.93
CA GLY B 14 -15.55 4.25 25.59
C GLY B 14 -16.07 3.35 26.69
N ALA B 15 -15.39 2.24 26.95
CA ALA B 15 -15.82 1.29 27.97
C ALA B 15 -14.65 0.42 28.38
N ARG B 16 -14.46 0.24 29.69
CA ARG B 16 -13.45 -0.67 30.22
C ARG B 16 -14.08 -2.06 30.34
N VAL B 17 -13.58 -3.00 29.56
CA VAL B 17 -14.10 -4.37 29.53
C VAL B 17 -12.97 -5.31 29.90
N PRO B 18 -13.18 -6.25 30.83
CA PRO B 18 -12.14 -7.20 31.16
C PRO B 18 -12.21 -8.47 30.32
N LEU B 19 -11.03 -9.02 30.03
CA LEU B 19 -10.96 -10.21 29.21
C LEU B 19 -11.38 -11.44 30.00
N PRO B 20 -11.93 -12.46 29.33
CA PRO B 20 -12.40 -13.65 30.07
C PRO B 20 -11.28 -14.42 30.75
N SER B 21 -10.05 -14.32 30.26
CA SER B 21 -8.92 -14.98 30.90
C SER B 21 -8.45 -14.15 32.10
N GLU B 22 -8.26 -14.82 33.23
CA GLU B 22 -7.84 -14.13 34.44
C GLU B 22 -6.42 -13.58 34.31
N ILE B 23 -5.58 -14.23 33.50
CA ILE B 23 -4.19 -13.80 33.38
C ILE B 23 -4.08 -12.48 32.63
N LEU B 24 -4.98 -12.23 31.67
CA LEU B 24 -4.94 -11.01 30.88
C LEU B 24 -5.77 -9.92 31.55
N GLY B 25 -5.21 -8.71 31.60
CA GLY B 25 -5.87 -7.60 32.25
C GLY B 25 -6.95 -6.99 31.40
N PRO B 26 -7.68 -6.05 31.98
CA PRO B 26 -8.77 -5.39 31.26
C PRO B 26 -8.23 -4.40 30.23
N VAL B 27 -9.06 -4.13 29.22
CA VAL B 27 -8.70 -3.25 28.11
C VAL B 27 -9.79 -2.21 27.93
N ASP B 28 -9.38 -1.03 27.47
CA ASP B 28 -10.30 0.05 27.11
C ASP B 28 -10.46 0.06 25.58
N GLN B 29 -11.70 0.17 25.13
CA GLN B 29 -12.01 0.14 23.70
C GLN B 29 -12.91 1.29 23.32
N TYR B 30 -12.70 1.82 22.11
CA TYR B 30 -13.46 2.95 21.59
C TYR B 30 -13.86 2.61 20.16
N LEU B 31 -15.15 2.32 19.94
CA LEU B 31 -15.66 1.83 18.67
C LEU B 31 -16.32 2.96 17.87
N GLY B 32 -16.32 2.80 16.56
CA GLY B 32 -16.99 3.75 15.67
C GLY B 32 -16.42 5.15 15.70
N VAL B 33 -15.10 5.29 15.65
CA VAL B 33 -14.46 6.60 15.68
C VAL B 33 -14.36 7.10 14.24
N PRO B 34 -15.01 8.21 13.89
CA PRO B 34 -14.91 8.72 12.51
C PRO B 34 -13.55 9.34 12.25
N TYR B 35 -12.84 8.81 11.26
CA TYR B 35 -11.53 9.33 10.86
C TYR B 35 -11.55 10.10 9.56
N ALA B 36 -12.71 10.22 8.92
CA ALA B 36 -12.82 10.95 7.66
C ALA B 36 -14.27 11.36 7.46
N ALA B 37 -14.47 12.28 6.52
CA ALA B 37 -15.81 12.75 6.20
C ALA B 37 -16.61 11.64 5.52
N PRO B 38 -17.93 11.65 5.64
CA PRO B 38 -18.76 10.64 4.97
C PRO B 38 -18.60 10.72 3.46
N PRO B 39 -18.18 9.63 2.82
CA PRO B 39 -18.01 9.62 1.36
C PRO B 39 -19.33 9.43 0.62
N ILE B 40 -20.26 10.36 0.82
CA ILE B 40 -21.59 10.27 0.25
C ILE B 40 -21.80 11.45 -0.69
N GLY B 41 -22.70 11.25 -1.65
CA GLY B 41 -23.07 12.30 -2.58
C GLY B 41 -21.90 12.84 -3.39
N GLU B 42 -21.48 14.07 -3.08
CA GLU B 42 -20.36 14.67 -3.77
C GLU B 42 -19.03 14.10 -3.30
N LYS B 43 -18.94 13.71 -2.02
CA LYS B 43 -17.72 13.10 -1.50
C LYS B 43 -17.48 11.70 -2.08
N ARG B 44 -18.49 11.11 -2.71
CA ARG B 44 -18.32 9.81 -3.35
C ARG B 44 -17.34 9.93 -4.52
N PHE B 45 -16.52 8.88 -4.67
CA PHE B 45 -15.52 8.82 -5.75
C PHE B 45 -14.51 9.97 -5.67
N LEU B 46 -14.19 10.39 -4.46
CA LEU B 46 -13.22 11.45 -4.21
C LEU B 46 -12.29 11.03 -3.09
N PRO B 47 -11.08 11.60 -3.04
CA PRO B 47 -10.17 11.28 -1.94
C PRO B 47 -10.79 11.66 -0.61
N PRO B 48 -10.40 10.97 0.46
CA PRO B 48 -11.02 11.23 1.75
C PRO B 48 -10.57 12.57 2.33
N GLU B 49 -11.46 13.18 3.09
CA GLU B 49 -11.24 14.45 3.75
C GLU B 49 -11.30 14.26 5.26
N PRO B 50 -10.69 15.16 6.03
CA PRO B 50 -10.74 15.02 7.49
C PRO B 50 -12.17 15.06 7.98
N PRO B 51 -12.47 14.36 9.07
CA PRO B 51 -13.87 14.26 9.54
C PRO B 51 -14.32 15.54 10.21
N PRO B 52 -15.63 15.78 10.27
CA PRO B 52 -16.13 16.96 10.98
C PRO B 52 -15.96 16.79 12.48
N SER B 53 -15.86 17.94 13.16
CA SER B 53 -15.67 17.96 14.60
C SER B 53 -17.01 17.91 15.34
N TRP B 54 -16.96 17.49 16.59
CA TRP B 54 -18.13 17.46 17.46
C TRP B 54 -17.81 18.18 18.76
N SER B 55 -18.79 18.92 19.28
CA SER B 55 -18.56 19.76 20.45
C SER B 55 -18.64 18.98 21.75
N GLY B 56 -19.68 18.17 21.92
CA GLY B 56 -19.88 17.43 23.14
C GLY B 56 -19.07 16.15 23.19
N ILE B 57 -19.51 15.24 24.06
CA ILE B 57 -18.88 13.94 24.22
C ILE B 57 -19.59 12.96 23.29
N ARG B 58 -18.88 12.50 22.26
CA ARG B 58 -19.45 11.60 21.28
C ARG B 58 -19.40 10.17 21.79
N ASN B 59 -20.51 9.44 21.67
CA ASN B 59 -20.60 8.07 22.16
C ASN B 59 -19.86 7.13 21.22
N ALA B 60 -18.93 6.37 21.77
CA ALA B 60 -18.20 5.36 21.02
C ALA B 60 -18.54 3.97 21.54
N THR B 61 -19.83 3.70 21.71
CA THR B 61 -20.29 2.49 22.37
C THR B 61 -20.83 1.42 21.43
N HIS B 62 -21.43 1.81 20.30
CA HIS B 62 -22.05 0.88 19.37
C HIS B 62 -21.18 0.70 18.13
N PHE B 63 -21.53 -0.31 17.36
CA PHE B 63 -20.84 -0.60 16.10
C PHE B 63 -21.27 0.39 15.02
N PRO B 64 -20.35 0.76 14.13
CA PRO B 64 -20.71 1.65 13.03
C PRO B 64 -21.18 0.87 11.83
N PRO B 65 -21.86 1.52 10.88
CA PRO B 65 -22.29 0.81 9.67
C PRO B 65 -21.10 0.36 8.83
N VAL B 66 -21.27 -0.76 8.15
CA VAL B 66 -20.26 -1.28 7.25
C VAL B 66 -20.48 -0.72 5.86
N CYS B 67 -19.44 -0.78 5.04
CA CYS B 67 -19.54 -0.27 3.68
C CYS B 67 -20.43 -1.19 2.84
N PRO B 68 -21.06 -0.66 1.79
CA PRO B 68 -21.98 -1.48 0.98
C PRO B 68 -21.28 -2.69 0.36
N GLN B 69 -21.78 -3.88 0.70
CA GLN B 69 -21.25 -5.13 0.20
C GLN B 69 -22.34 -6.19 0.30
N ASN B 70 -22.12 -7.31 -0.39
CA ASN B 70 -23.09 -8.40 -0.41
C ASN B 70 -22.36 -9.70 -0.62
N ILE B 71 -22.50 -10.63 0.34
CA ILE B 71 -21.80 -11.91 0.26
C ILE B 71 -22.58 -12.96 -0.54
N HIS B 72 -23.90 -12.82 -0.65
CA HIS B 72 -24.68 -13.78 -1.42
C HIS B 72 -24.43 -13.64 -2.92
N THR B 73 -24.07 -12.45 -3.38
CA THR B 73 -23.71 -12.27 -4.77
C THR B 73 -22.42 -13.02 -5.09
N ALA B 74 -22.33 -13.50 -6.33
CA ALA B 74 -21.21 -14.35 -6.72
C ALA B 74 -19.90 -13.57 -6.70
N VAL B 75 -18.99 -13.97 -5.82
CA VAL B 75 -17.66 -13.38 -5.73
C VAL B 75 -16.64 -14.50 -5.86
N PRO B 76 -15.40 -14.22 -6.31
CA PRO B 76 -14.40 -15.29 -6.39
C PRO B 76 -14.10 -15.91 -5.03
N GLU B 77 -14.51 -17.16 -4.85
CA GLU B 77 -14.36 -17.82 -3.55
C GLU B 77 -12.91 -18.08 -3.21
N VAL B 78 -12.04 -18.21 -4.22
CA VAL B 78 -10.65 -18.59 -3.96
C VAL B 78 -9.91 -17.49 -3.22
N MET B 79 -10.31 -16.24 -3.40
CA MET B 79 -9.64 -15.13 -2.71
C MET B 79 -10.01 -15.07 -1.24
N LEU B 80 -11.24 -15.44 -0.90
CA LEU B 80 -11.71 -15.36 0.48
C LEU B 80 -11.03 -16.44 1.33
N PRO B 81 -10.82 -16.16 2.61
CA PRO B 81 -10.39 -17.22 3.53
C PRO B 81 -11.50 -18.24 3.75
N VAL B 82 -11.11 -19.45 4.14
CA VAL B 82 -12.08 -20.53 4.22
C VAL B 82 -12.99 -20.37 5.44
N TRP B 83 -12.46 -19.83 6.55
CA TRP B 83 -13.32 -19.55 7.69
C TRP B 83 -14.39 -18.52 7.36
N PHE B 84 -14.16 -17.70 6.33
CA PHE B 84 -15.20 -16.81 5.84
C PHE B 84 -16.27 -17.59 5.07
N THR B 85 -15.84 -18.48 4.18
CA THR B 85 -16.78 -19.19 3.32
C THR B 85 -17.46 -20.36 4.02
N ALA B 86 -16.80 -20.96 5.01
CA ALA B 86 -17.40 -22.09 5.71
C ALA B 86 -18.58 -21.66 6.59
N ASN B 87 -18.58 -20.40 7.03
CA ASN B 87 -19.62 -19.87 7.91
C ASN B 87 -20.16 -18.57 7.30
N LEU B 88 -20.86 -18.70 6.18
CA LEU B 88 -21.44 -17.53 5.52
C LEU B 88 -22.59 -16.94 6.34
N ASP B 89 -23.30 -17.77 7.08
CA ASP B 89 -24.42 -17.27 7.88
C ASP B 89 -23.93 -16.44 9.06
N ILE B 90 -22.83 -16.85 9.69
CA ILE B 90 -22.29 -16.10 10.81
C ILE B 90 -21.73 -14.76 10.33
N VAL B 91 -21.08 -14.75 9.17
CA VAL B 91 -20.55 -13.50 8.62
C VAL B 91 -21.66 -12.51 8.32
N ALA B 92 -22.84 -13.02 7.92
CA ALA B 92 -23.95 -12.14 7.58
C ALA B 92 -24.40 -11.27 8.74
N THR B 93 -24.10 -11.65 9.97
CA THR B 93 -24.48 -10.83 11.12
C THR B 93 -23.68 -9.54 11.19
N TYR B 94 -22.48 -9.50 10.62
CA TYR B 94 -21.68 -8.28 10.61
C TYR B 94 -21.94 -7.41 9.40
N ILE B 95 -22.40 -8.00 8.29
CA ILE B 95 -22.60 -7.26 7.05
C ILE B 95 -23.98 -6.61 6.98
N GLN B 96 -24.89 -6.98 7.87
CA GLN B 96 -26.26 -6.47 7.80
C GLN B 96 -26.29 -4.96 7.95
N GLU B 97 -27.25 -4.34 7.24
CA GLU B 97 -27.48 -2.90 7.23
C GLU B 97 -26.22 -2.11 6.88
N PRO B 98 -25.77 -2.15 5.63
CA PRO B 98 -24.63 -1.33 5.23
C PRO B 98 -25.04 0.06 4.80
N ASN B 99 -24.12 1.00 5.00
CA ASN B 99 -24.34 2.40 4.65
C ASN B 99 -23.08 2.96 4.01
N GLU B 100 -23.27 3.90 3.08
CA GLU B 100 -22.13 4.51 2.41
C GLU B 100 -21.26 5.33 3.36
N ASP B 101 -21.82 5.78 4.49
CA ASP B 101 -21.06 6.47 5.53
C ASP B 101 -20.47 5.39 6.43
N CYS B 102 -19.30 4.87 6.05
CA CYS B 102 -18.70 3.73 6.74
C CYS B 102 -17.25 3.96 7.16
N LEU B 103 -16.78 5.22 7.13
CA LEU B 103 -15.38 5.50 7.44
C LEU B 103 -15.23 5.69 8.95
N TYR B 104 -15.13 4.56 9.66
CA TYR B 104 -14.95 4.53 11.10
C TYR B 104 -13.94 3.43 11.43
N LEU B 105 -13.33 3.55 12.61
CA LEU B 105 -12.33 2.59 13.06
C LEU B 105 -12.58 2.23 14.52
N ASN B 106 -11.81 1.26 15.01
CA ASN B 106 -11.89 0.78 16.38
C ASN B 106 -10.49 0.73 16.99
N VAL B 107 -10.38 1.11 18.26
CA VAL B 107 -9.11 1.15 18.97
C VAL B 107 -9.24 0.35 20.26
N TYR B 108 -8.14 -0.31 20.64
CA TYR B 108 -8.08 -1.11 21.86
C TYR B 108 -6.87 -0.68 22.68
N VAL B 109 -7.09 -0.33 23.94
CA VAL B 109 -6.05 0.16 24.83
C VAL B 109 -5.94 -0.79 26.02
N PRO B 110 -4.78 -1.40 26.26
CA PRO B 110 -4.66 -2.32 27.40
C PRO B 110 -4.30 -1.60 28.69
N THR B 111 -5.05 -1.88 29.76
CA THR B 111 -4.73 -1.33 31.07
C THR B 111 -4.95 -2.38 32.15
N SER B 138 3.46 1.27 31.14
CA SER B 138 4.31 2.41 31.45
C SER B 138 4.88 3.02 30.18
N GLY B 139 4.72 4.33 30.02
CA GLY B 139 5.19 5.02 28.84
C GLY B 139 4.24 4.85 27.67
N ALA B 140 4.74 5.28 26.51
CA ALA B 140 3.95 5.17 25.29
C ALA B 140 3.78 3.71 24.89
N LYS B 141 2.58 3.37 24.41
CA LYS B 141 2.31 2.00 24.01
C LYS B 141 2.37 1.84 22.50
N PRO B 142 2.97 0.77 22.00
CA PRO B 142 3.06 0.58 20.55
C PRO B 142 1.68 0.40 19.94
N VAL B 143 1.57 0.81 18.67
CA VAL B 143 0.30 0.81 17.95
C VAL B 143 0.40 -0.16 16.78
N MET B 144 -0.60 -1.02 16.64
CA MET B 144 -0.70 -1.96 15.54
C MET B 144 -2.01 -1.72 14.80
N VAL B 145 -1.93 -1.53 13.49
CA VAL B 145 -3.08 -1.22 12.65
C VAL B 145 -3.35 -2.41 11.73
N TYR B 146 -4.58 -2.92 11.77
CA TYR B 146 -4.96 -4.09 11.00
C TYR B 146 -5.84 -3.70 9.82
N ILE B 147 -5.64 -4.39 8.70
CA ILE B 147 -6.40 -4.17 7.48
C ILE B 147 -6.84 -5.54 6.97
N HIS B 148 -8.10 -5.91 7.22
CA HIS B 148 -8.56 -7.21 6.78
C HIS B 148 -9.05 -7.16 5.33
N GLY B 149 -8.84 -8.26 4.62
CA GLY B 149 -9.29 -8.37 3.25
C GLY B 149 -9.78 -9.76 2.91
N GLY B 150 -11.09 -9.97 2.97
CA GLY B 150 -11.66 -11.20 2.44
C GLY B 150 -11.49 -11.22 0.94
N SER B 151 -12.19 -10.32 0.27
CA SER B 151 -11.94 -9.96 -1.12
C SER B 151 -11.91 -8.45 -1.22
N TYR B 152 -11.59 -7.92 -2.39
CA TYR B 152 -11.62 -6.47 -2.58
C TYR B 152 -13.04 -5.91 -2.55
N MET B 153 -14.04 -6.77 -2.46
CA MET B 153 -15.44 -6.35 -2.43
C MET B 153 -16.09 -6.46 -1.06
N GLU B 154 -15.62 -7.38 -0.21
CA GLU B 154 -16.25 -7.62 1.08
C GLU B 154 -15.22 -7.56 2.20
N GLY B 155 -15.62 -7.94 3.40
CA GLY B 155 -14.68 -7.98 4.52
C GLY B 155 -14.69 -6.70 5.32
N THR B 156 -14.41 -6.84 6.62
CA THR B 156 -14.39 -5.71 7.53
C THR B 156 -13.54 -6.08 8.74
N GLY B 157 -13.04 -5.04 9.41
CA GLY B 157 -12.27 -5.24 10.63
C GLY B 157 -13.10 -5.48 11.87
N ASN B 158 -14.42 -5.32 11.77
CA ASN B 158 -15.26 -5.53 12.94
C ASN B 158 -15.35 -7.00 13.33
N MET B 159 -15.15 -7.90 12.38
CA MET B 159 -15.23 -9.34 12.67
C MET B 159 -14.06 -9.85 13.49
N ILE B 160 -13.00 -9.05 13.66
CA ILE B 160 -11.81 -9.47 14.37
C ILE B 160 -11.67 -8.62 15.63
N ASP B 161 -11.50 -9.29 16.77
CA ASP B 161 -11.36 -8.65 18.08
C ASP B 161 -9.91 -8.77 18.51
N GLY B 162 -9.19 -7.65 18.51
CA GLY B 162 -7.79 -7.65 18.88
C GLY B 162 -7.57 -7.32 20.34
N SER B 163 -8.55 -7.64 21.18
CA SER B 163 -8.41 -7.37 22.61
C SER B 163 -7.36 -8.26 23.25
N VAL B 164 -7.23 -9.50 22.78
CA VAL B 164 -6.26 -10.42 23.37
C VAL B 164 -4.85 -9.98 23.03
N LEU B 165 -4.60 -9.61 21.76
CA LEU B 165 -3.28 -9.15 21.35
C LEU B 165 -2.91 -7.84 22.06
N ALA B 166 -3.91 -7.04 22.42
CA ALA B 166 -3.62 -5.77 23.10
C ALA B 166 -3.16 -6.02 24.53
N SER B 167 -3.89 -6.83 25.28
CA SER B 167 -3.55 -7.06 26.69
C SER B 167 -2.33 -7.96 26.85
N TYR B 168 -2.13 -8.89 25.89
CA TYR B 168 -1.00 -9.81 26.01
C TYR B 168 0.33 -9.12 25.72
N GLY B 169 0.37 -8.30 24.68
CA GLY B 169 1.58 -7.60 24.30
C GLY B 169 1.68 -6.18 24.80
N ASN B 170 0.68 -5.69 25.52
CA ASN B 170 0.66 -4.31 26.03
C ASN B 170 0.80 -3.31 24.89
N VAL B 171 0.09 -3.56 23.79
CA VAL B 171 0.13 -2.71 22.60
C VAL B 171 -1.30 -2.32 22.24
N ILE B 172 -1.41 -1.42 21.27
CA ILE B 172 -2.70 -0.90 20.81
C ILE B 172 -3.03 -1.57 19.49
N VAL B 173 -4.18 -2.25 19.44
CA VAL B 173 -4.66 -2.91 18.24
C VAL B 173 -5.78 -2.08 17.64
N ILE B 174 -5.72 -1.84 16.33
CA ILE B 174 -6.69 -1.01 15.62
C ILE B 174 -7.25 -1.80 14.45
N THR B 175 -8.58 -1.94 14.41
CA THR B 175 -9.29 -2.52 13.29
C THR B 175 -10.20 -1.46 12.68
N LEU B 176 -10.14 -1.30 11.36
CA LEU B 176 -10.83 -0.22 10.68
C LEU B 176 -11.69 -0.77 9.55
N ASN B 177 -12.43 0.15 8.93
CA ASN B 177 -13.19 -0.12 7.72
C ASN B 177 -12.81 0.90 6.66
N TYR B 178 -12.95 0.50 5.40
CA TYR B 178 -12.54 1.35 4.28
C TYR B 178 -13.46 1.07 3.10
N ARG B 179 -13.53 2.04 2.20
CA ARG B 179 -14.38 1.90 1.02
C ARG B 179 -13.90 0.73 0.17
N VAL B 180 -14.83 -0.20 -0.12
CA VAL B 180 -14.53 -1.41 -0.86
C VAL B 180 -15.45 -1.47 -2.08
N GLY B 181 -15.12 -2.38 -2.99
CA GLY B 181 -15.96 -2.61 -4.15
C GLY B 181 -15.84 -1.48 -5.16
N VAL B 182 -16.99 -1.11 -5.72
CA VAL B 182 -17.02 -0.07 -6.75
C VAL B 182 -16.68 1.29 -6.15
N LEU B 183 -17.19 1.57 -4.94
CA LEU B 183 -17.01 2.88 -4.32
C LEU B 183 -15.55 3.17 -3.97
N GLY B 184 -14.74 2.14 -3.75
CA GLY B 184 -13.37 2.37 -3.34
C GLY B 184 -12.33 2.18 -4.41
N PHE B 185 -12.73 1.66 -5.58
CA PHE B 185 -11.77 1.34 -6.62
C PHE B 185 -12.25 1.65 -8.04
N LEU B 186 -13.35 2.37 -8.21
CA LEU B 186 -13.78 2.73 -9.57
C LEU B 186 -12.76 3.68 -10.19
N SER B 187 -12.27 3.30 -11.37
CA SER B 187 -11.27 4.09 -12.06
C SER B 187 -11.61 4.16 -13.54
N THR B 188 -11.70 5.37 -14.07
CA THR B 188 -11.86 5.60 -15.50
C THR B 188 -10.54 5.96 -16.18
N GLY B 189 -9.43 5.93 -15.45
CA GLY B 189 -8.15 6.21 -16.06
C GLY B 189 -7.92 7.65 -16.46
N ASP B 190 -8.73 8.57 -15.95
CA ASP B 190 -8.57 9.99 -16.28
C ASP B 190 -9.00 10.83 -15.07
N GLN B 191 -9.19 12.12 -15.30
CA GLN B 191 -9.50 13.04 -14.21
C GLN B 191 -10.89 12.85 -13.67
N ALA B 192 -11.76 12.12 -14.38
CA ALA B 192 -13.13 11.95 -13.92
C ALA B 192 -13.20 10.98 -12.75
N ALA B 193 -12.34 9.96 -12.75
CA ALA B 193 -12.32 8.98 -11.65
C ALA B 193 -10.93 8.32 -11.65
N LYS B 194 -10.03 8.88 -10.83
CA LYS B 194 -8.66 8.38 -10.79
C LYS B 194 -8.59 6.97 -10.20
N GLY B 195 -9.46 6.66 -9.25
CA GLY B 195 -9.46 5.36 -8.61
C GLY B 195 -8.65 5.32 -7.33
N ASN B 196 -8.45 4.10 -6.83
CA ASN B 196 -7.68 3.86 -5.61
C ASN B 196 -8.25 4.63 -4.42
N TYR B 197 -9.58 4.75 -4.38
CA TYR B 197 -10.22 5.47 -3.28
C TYR B 197 -10.18 4.66 -1.99
N GLY B 198 -10.13 3.33 -2.09
CA GLY B 198 -10.09 2.51 -0.88
C GLY B 198 -8.76 2.64 -0.15
N LEU B 199 -7.65 2.57 -0.88
CA LEU B 199 -6.34 2.71 -0.25
C LEU B 199 -6.15 4.09 0.35
N LEU B 200 -6.72 5.12 -0.29
CA LEU B 200 -6.60 6.48 0.23
C LEU B 200 -7.32 6.61 1.57
N ASP B 201 -8.38 5.82 1.79
CA ASP B 201 -9.05 5.82 3.09
C ASP B 201 -8.14 5.25 4.17
N GLN B 202 -7.36 4.22 3.83
CA GLN B 202 -6.38 3.69 4.77
C GLN B 202 -5.22 4.65 4.98
N ILE B 203 -4.89 5.46 3.97
CA ILE B 203 -3.87 6.49 4.15
C ILE B 203 -4.39 7.59 5.07
N GLN B 204 -5.66 7.98 4.90
CA GLN B 204 -6.24 9.01 5.75
C GLN B 204 -6.38 8.53 7.19
N ALA B 205 -6.74 7.26 7.38
CA ALA B 205 -6.87 6.71 8.72
C ALA B 205 -5.54 6.76 9.47
N LEU B 206 -4.46 6.34 8.80
CA LEU B 206 -3.15 6.37 9.44
C LEU B 206 -2.69 7.79 9.72
N ARG B 207 -3.07 8.75 8.87
CA ARG B 207 -2.76 10.15 9.16
C ARG B 207 -3.46 10.61 10.42
N TRP B 208 -4.74 10.28 10.56
CA TRP B 208 -5.50 10.66 11.75
C TRP B 208 -4.98 9.92 12.98
N VAL B 209 -4.61 8.65 12.83
CA VAL B 209 -4.07 7.88 13.96
C VAL B 209 -2.72 8.44 14.39
N SER B 210 -1.91 8.89 13.44
CA SER B 210 -0.59 9.42 13.78
C SER B 210 -0.66 10.67 14.63
N GLU B 211 -1.71 11.49 14.46
CA GLU B 211 -1.85 12.75 15.17
C GLU B 211 -2.80 12.68 16.35
N ASN B 212 -3.44 11.53 16.60
CA ASN B 212 -4.42 11.43 17.66
C ASN B 212 -4.25 10.21 18.56
N ILE B 213 -3.21 9.40 18.36
CA ILE B 213 -3.01 8.24 19.21
C ILE B 213 -2.20 8.56 20.45
N ALA B 214 -1.53 9.72 20.49
CA ALA B 214 -0.77 10.11 21.68
C ALA B 214 -1.68 10.34 22.86
N PHE B 215 -2.96 10.64 22.63
CA PHE B 215 -3.91 10.81 23.73
C PHE B 215 -4.28 9.47 24.36
N PHE B 216 -4.29 8.40 23.57
CA PHE B 216 -4.57 7.05 24.05
C PHE B 216 -3.36 6.41 24.73
N GLY B 217 -2.30 7.16 24.97
CA GLY B 217 -1.09 6.57 25.51
C GLY B 217 -0.28 5.80 24.51
N GLY B 218 -0.54 6.02 23.21
CA GLY B 218 0.15 5.30 22.16
C GLY B 218 1.32 6.08 21.58
N ASP B 219 2.20 5.35 20.90
CA ASP B 219 3.38 5.95 20.29
C ASP B 219 3.18 6.06 18.79
N PRO B 220 3.18 7.26 18.21
CA PRO B 220 3.03 7.38 16.75
C PRO B 220 4.26 6.94 15.98
N ARG B 221 5.44 6.92 16.61
CA ARG B 221 6.66 6.50 15.93
C ARG B 221 6.86 5.00 15.92
N ARG B 222 6.09 4.25 16.73
CA ARG B 222 6.14 2.81 16.71
C ARG B 222 4.82 2.24 16.19
N ILE B 223 4.42 2.66 15.00
CA ILE B 223 3.19 2.19 14.36
C ILE B 223 3.55 1.07 13.40
N THR B 224 2.84 -0.05 13.51
CA THR B 224 3.07 -1.21 12.65
C THR B 224 1.73 -1.62 12.04
N VAL B 225 1.60 -1.41 10.73
CA VAL B 225 0.41 -1.84 10.01
C VAL B 225 0.57 -3.29 9.61
N PHE B 226 -0.48 -4.09 9.80
CA PHE B 226 -0.42 -5.49 9.45
C PHE B 226 -1.76 -5.94 8.88
N GLY B 227 -1.69 -6.77 7.84
CA GLY B 227 -2.89 -7.27 7.20
C GLY B 227 -2.75 -8.74 6.85
N SER B 228 -3.88 -9.32 6.45
CA SER B 228 -3.93 -10.74 6.11
C SER B 228 -4.71 -10.94 4.83
N GLY B 229 -4.27 -11.91 4.02
CA GLY B 229 -4.98 -12.22 2.80
C GLY B 229 -4.95 -11.06 1.82
N ILE B 230 -6.13 -10.66 1.36
CA ILE B 230 -6.23 -9.50 0.47
C ILE B 230 -5.80 -8.24 1.21
N GLY B 231 -6.12 -8.16 2.50
CA GLY B 231 -5.66 -7.01 3.27
C GLY B 231 -4.15 -6.93 3.33
N ALA B 232 -3.48 -8.08 3.36
CA ALA B 232 -2.02 -8.07 3.30
C ALA B 232 -1.53 -7.57 1.95
N SER B 233 -2.28 -7.83 0.88
CA SER B 233 -1.97 -7.22 -0.41
C SER B 233 -2.13 -5.71 -0.36
N CYS B 234 -3.07 -5.22 0.45
CA CYS B 234 -3.22 -3.78 0.62
C CYS B 234 -2.04 -3.19 1.39
N VAL B 235 -1.59 -3.89 2.43
CA VAL B 235 -0.47 -3.40 3.22
C VAL B 235 0.77 -3.25 2.34
N SER B 236 0.94 -4.18 1.39
CA SER B 236 2.10 -4.12 0.49
C SER B 236 2.05 -2.88 -0.38
N LEU B 237 0.86 -2.49 -0.82
CA LEU B 237 0.72 -1.32 -1.69
C LEU B 237 1.01 -0.04 -0.92
N LEU B 238 0.60 0.03 0.35
CA LEU B 238 0.80 1.25 1.13
C LEU B 238 2.26 1.56 1.34
N THR B 239 3.10 0.54 1.46
CA THR B 239 4.53 0.76 1.66
C THR B 239 5.19 1.34 0.41
N LEU B 240 4.62 1.08 -0.76
CA LEU B 240 5.11 1.61 -2.03
C LEU B 240 4.55 2.99 -2.35
N SER B 241 3.58 3.47 -1.59
CA SER B 241 2.98 4.77 -1.85
C SER B 241 3.92 5.90 -1.44
N HIS B 242 3.84 7.00 -2.20
CA HIS B 242 4.61 8.18 -1.86
C HIS B 242 4.08 8.88 -0.62
N HIS B 243 2.82 8.63 -0.25
CA HIS B 243 2.15 9.40 0.79
C HIS B 243 2.37 8.83 2.19
N SER B 244 2.61 7.53 2.29
CA SER B 244 2.81 6.87 3.58
C SER B 244 4.18 7.14 4.21
N GLU B 245 4.88 8.18 3.77
CA GLU B 245 6.29 8.34 4.18
C GLU B 245 6.42 8.45 5.69
N GLY B 246 5.82 9.49 6.27
CA GLY B 246 5.97 9.73 7.68
C GLY B 246 4.90 9.14 8.56
N LEU B 247 4.12 8.19 8.06
CA LEU B 247 2.98 7.67 8.84
C LEU B 247 3.41 6.50 9.72
N PHE B 248 3.77 5.38 9.11
CA PHE B 248 4.18 4.20 9.85
C PHE B 248 5.68 3.96 9.68
N GLN B 249 6.17 3.01 10.48
CA GLN B 249 7.58 2.61 10.44
C GLN B 249 7.79 1.12 10.27
N ARG B 250 6.77 0.29 10.51
CA ARG B 250 6.90 -1.16 10.34
C ARG B 250 5.65 -1.70 9.67
N ALA B 251 5.77 -2.89 9.09
CA ALA B 251 4.66 -3.53 8.41
C ALA B 251 4.79 -5.04 8.49
N ILE B 252 3.64 -5.72 8.56
CA ILE B 252 3.57 -7.17 8.61
C ILE B 252 2.59 -7.64 7.54
N ILE B 253 3.05 -8.48 6.64
CA ILE B 253 2.26 -8.95 5.50
C ILE B 253 2.01 -10.44 5.69
N GLN B 254 0.73 -10.84 5.68
CA GLN B 254 0.36 -12.23 5.96
C GLN B 254 -0.47 -12.77 4.80
N SER B 255 0.14 -13.66 4.01
CA SER B 255 -0.55 -14.33 2.91
C SER B 255 -1.11 -13.34 1.89
N GLY B 256 -0.29 -12.36 1.53
CA GLY B 256 -0.70 -11.36 0.55
C GLY B 256 0.50 -10.78 -0.14
N SER B 257 0.24 -10.16 -1.29
CA SER B 257 1.30 -9.57 -2.09
C SER B 257 0.69 -8.62 -3.10
N ALA B 258 1.47 -7.62 -3.49
CA ALA B 258 1.08 -6.69 -4.54
C ALA B 258 1.44 -7.20 -5.93
N LEU B 259 1.90 -8.44 -6.04
CA LEU B 259 2.38 -9.01 -7.28
C LEU B 259 1.48 -10.10 -7.83
N SER B 260 0.41 -10.45 -7.12
CA SER B 260 -0.51 -11.48 -7.59
C SER B 260 -1.39 -10.94 -8.72
N SER B 261 -2.05 -11.86 -9.42
CA SER B 261 -2.88 -11.47 -10.56
C SER B 261 -4.08 -10.64 -10.13
N TRP B 262 -4.55 -10.84 -8.90
CA TRP B 262 -5.70 -10.10 -8.37
C TRP B 262 -5.28 -8.93 -7.47
N ALA B 263 -3.98 -8.65 -7.38
CA ALA B 263 -3.54 -7.54 -6.54
C ALA B 263 -3.81 -6.20 -7.20
N VAL B 264 -3.59 -6.10 -8.51
CA VAL B 264 -3.81 -4.87 -9.26
C VAL B 264 -4.65 -5.20 -10.49
N ASN B 265 -5.65 -4.37 -10.76
CA ASN B 265 -6.52 -4.54 -11.91
C ASN B 265 -5.90 -3.86 -13.12
N TYR B 266 -5.53 -4.65 -14.12
CA TYR B 266 -4.92 -4.13 -15.34
C TYR B 266 -5.92 -4.02 -16.49
N GLN B 267 -7.21 -3.95 -16.18
CA GLN B 267 -8.23 -3.69 -17.18
C GLN B 267 -9.41 -2.98 -16.52
N PRO B 268 -9.18 -1.85 -15.81
CA PRO B 268 -10.25 -1.28 -15.00
C PRO B 268 -11.28 -0.56 -15.84
N VAL B 269 -10.85 0.07 -16.93
CA VAL B 269 -11.79 0.79 -17.78
C VAL B 269 -12.78 -0.17 -18.42
N LYS B 270 -12.38 -1.42 -18.63
CA LYS B 270 -13.25 -2.38 -19.28
C LYS B 270 -14.40 -2.79 -18.36
N TYR B 271 -14.09 -3.15 -17.12
CA TYR B 271 -15.13 -3.59 -16.20
C TYR B 271 -15.95 -2.41 -15.69
N THR B 272 -15.37 -1.21 -15.67
CA THR B 272 -16.12 -0.03 -15.25
C THR B 272 -17.20 0.32 -16.27
N SER B 273 -16.86 0.28 -17.56
CA SER B 273 -17.84 0.58 -18.61
C SER B 273 -18.91 -0.49 -18.70
N LEU B 274 -18.58 -1.74 -18.33
CA LEU B 274 -19.59 -2.79 -18.30
C LEU B 274 -20.59 -2.58 -17.17
N LEU B 275 -20.14 -1.99 -16.06
CA LEU B 275 -21.08 -1.65 -14.98
C LEU B 275 -21.95 -0.46 -15.38
N ALA B 276 -21.37 0.51 -16.08
CA ALA B 276 -22.15 1.68 -16.49
C ALA B 276 -23.26 1.30 -17.45
N ASP B 277 -23.05 0.29 -18.30
CA ASP B 277 -24.11 -0.20 -19.16
C ASP B 277 -25.17 -0.97 -18.38
N LYS B 278 -24.82 -1.50 -17.21
CA LYS B 278 -25.80 -2.22 -16.40
C LYS B 278 -26.71 -1.27 -15.63
N VAL B 279 -26.20 -0.12 -15.20
CA VAL B 279 -27.02 0.87 -14.52
C VAL B 279 -27.57 1.93 -15.47
N GLY B 280 -27.18 1.88 -16.75
CA GLY B 280 -27.67 2.83 -17.73
C GLY B 280 -26.89 4.13 -17.81
N CYS B 281 -25.93 4.34 -16.92
CA CYS B 281 -25.17 5.58 -16.89
C CYS B 281 -24.01 5.61 -17.88
N ASN B 282 -23.97 4.70 -18.86
CA ASN B 282 -22.85 4.64 -19.79
C ASN B 282 -23.03 5.70 -20.87
N VAL B 283 -22.16 6.71 -20.85
CA VAL B 283 -22.12 7.74 -21.87
C VAL B 283 -20.68 7.83 -22.38
N LEU B 284 -20.44 8.79 -23.27
CA LEU B 284 -19.12 8.87 -23.88
C LEU B 284 -18.15 9.67 -23.03
N ASP B 285 -18.58 10.80 -22.50
CA ASP B 285 -17.73 11.57 -21.59
C ASP B 285 -17.61 10.85 -20.26
N THR B 286 -16.38 10.51 -19.85
CA THR B 286 -16.19 9.90 -18.55
C THR B 286 -16.66 10.81 -17.41
N VAL B 287 -16.71 12.12 -17.65
CA VAL B 287 -17.20 13.04 -16.63
C VAL B 287 -18.72 12.91 -16.48
N ASP B 288 -19.45 12.85 -17.60
CA ASP B 288 -20.91 12.78 -17.54
C ASP B 288 -21.38 11.48 -16.90
N MET B 289 -20.60 10.40 -17.02
CA MET B 289 -21.04 9.14 -16.43
C MET B 289 -20.68 9.03 -14.95
N VAL B 290 -19.56 9.62 -14.54
CA VAL B 290 -19.21 9.61 -13.12
C VAL B 290 -20.23 10.42 -12.32
N ASP B 291 -20.59 11.60 -12.82
CA ASP B 291 -21.66 12.38 -12.20
C ASP B 291 -22.98 11.63 -12.24
N CYS B 292 -23.18 10.80 -13.27
CA CYS B 292 -24.41 10.00 -13.34
C CYS B 292 -24.41 8.90 -12.29
N LEU B 293 -23.24 8.31 -12.01
CA LEU B 293 -23.16 7.22 -11.05
C LEU B 293 -23.45 7.70 -9.64
N ARG B 294 -23.00 8.91 -9.30
CA ARG B 294 -23.27 9.46 -7.97
C ARG B 294 -24.74 9.72 -7.74
N GLN B 295 -25.54 9.87 -8.81
CA GLN B 295 -26.98 10.00 -8.64
C GLN B 295 -27.61 8.67 -8.26
N LYS B 296 -27.05 7.56 -8.75
CA LYS B 296 -27.58 6.25 -8.41
C LYS B 296 -27.32 5.93 -6.94
N SER B 297 -28.12 5.02 -6.41
CA SER B 297 -27.95 4.58 -5.03
C SER B 297 -26.72 3.71 -4.90
N ALA B 298 -26.17 3.68 -3.68
CA ALA B 298 -24.98 2.87 -3.41
C ALA B 298 -25.29 1.39 -3.30
N LYS B 299 -26.56 1.01 -3.09
CA LYS B 299 -26.91 -0.39 -2.99
C LYS B 299 -27.27 -1.01 -4.34
N GLU B 300 -27.75 -0.20 -5.29
CA GLU B 300 -27.98 -0.71 -6.63
C GLU B 300 -26.67 -1.12 -7.32
N LEU B 301 -25.57 -0.42 -7.00
CA LEU B 301 -24.29 -0.75 -7.60
C LEU B 301 -23.72 -2.04 -7.03
N VAL B 302 -23.96 -2.31 -5.74
CA VAL B 302 -23.40 -3.50 -5.11
C VAL B 302 -24.21 -4.74 -5.48
N GLU B 303 -25.53 -4.62 -5.58
CA GLU B 303 -26.36 -5.76 -5.94
C GLU B 303 -26.04 -6.28 -7.34
N GLN B 304 -25.48 -5.43 -8.21
CA GLN B 304 -25.09 -5.89 -9.54
C GLN B 304 -23.90 -6.83 -9.45
N ASP B 305 -23.97 -7.93 -10.22
CA ASP B 305 -22.94 -8.95 -10.24
C ASP B 305 -22.16 -8.87 -11.54
N ILE B 306 -20.83 -8.76 -11.44
CA ILE B 306 -19.94 -8.72 -12.59
C ILE B 306 -18.88 -9.78 -12.39
N GLN B 307 -18.78 -10.71 -13.34
CA GLN B 307 -17.82 -11.80 -13.26
C GLN B 307 -16.62 -11.49 -14.15
N PRO B 308 -15.45 -11.24 -13.59
CA PRO B 308 -14.28 -10.93 -14.43
C PRO B 308 -13.63 -12.18 -15.00
N ALA B 309 -12.45 -12.00 -15.59
CA ALA B 309 -11.66 -13.15 -16.00
C ALA B 309 -11.27 -13.95 -14.76
N ARG B 310 -11.29 -15.28 -14.89
CA ARG B 310 -11.07 -16.14 -13.73
C ARG B 310 -9.67 -15.92 -13.17
N TYR B 311 -9.59 -15.93 -11.84
CA TYR B 311 -8.36 -15.64 -11.09
C TYR B 311 -7.85 -14.23 -11.33
N HIS B 312 -8.74 -13.33 -11.75
CA HIS B 312 -8.46 -11.90 -11.84
C HIS B 312 -9.58 -11.14 -11.14
N VAL B 313 -9.30 -9.89 -10.80
CA VAL B 313 -10.23 -9.05 -10.06
C VAL B 313 -10.81 -8.00 -11.00
N ALA B 314 -12.11 -7.70 -10.83
CA ALA B 314 -12.78 -6.72 -11.66
C ALA B 314 -12.72 -5.31 -11.07
N PHE B 315 -12.76 -5.19 -9.74
CA PHE B 315 -12.67 -3.90 -9.07
C PHE B 315 -11.57 -3.99 -8.02
N GLY B 316 -10.49 -3.23 -8.24
CA GLY B 316 -9.38 -3.21 -7.32
C GLY B 316 -8.48 -2.01 -7.57
N PRO B 317 -7.28 -2.04 -6.98
CA PRO B 317 -6.36 -0.91 -7.16
C PRO B 317 -5.89 -0.80 -8.60
N VAL B 318 -5.54 0.42 -8.99
CA VAL B 318 -5.07 0.71 -10.34
C VAL B 318 -3.78 1.52 -10.24
N ILE B 319 -3.11 1.66 -11.38
CA ILE B 319 -1.94 2.50 -11.50
C ILE B 319 -2.42 3.88 -11.94
N ASP B 320 -2.41 4.83 -11.01
CA ASP B 320 -2.95 6.15 -11.27
C ASP B 320 -1.87 7.21 -11.51
N GLY B 321 -0.60 6.82 -11.48
CA GLY B 321 0.44 7.81 -11.66
C GLY B 321 0.67 8.70 -10.45
N ASP B 322 -0.02 8.45 -9.35
CA ASP B 322 0.16 9.24 -8.14
C ASP B 322 0.35 8.32 -6.94
N VAL B 323 -0.72 7.63 -6.53
CA VAL B 323 -0.61 6.67 -5.44
C VAL B 323 0.25 5.49 -5.87
N ILE B 324 -0.10 4.86 -6.99
CA ILE B 324 0.72 3.80 -7.58
C ILE B 324 1.32 4.36 -8.87
N PRO B 325 2.51 4.96 -8.83
CA PRO B 325 3.00 5.65 -10.03
C PRO B 325 3.49 4.72 -11.12
N ASP B 326 3.99 3.54 -10.77
CA ASP B 326 4.56 2.61 -11.74
C ASP B 326 4.17 1.19 -11.34
N ASP B 327 4.77 0.20 -12.00
CA ASP B 327 4.51 -1.18 -11.65
C ASP B 327 4.97 -1.45 -10.22
N PRO B 328 4.28 -2.34 -9.49
CA PRO B 328 4.73 -2.65 -8.12
C PRO B 328 6.15 -3.18 -8.06
N GLU B 329 6.47 -4.20 -8.85
CA GLU B 329 7.83 -4.71 -8.89
C GLU B 329 8.81 -3.63 -9.33
N ILE B 330 8.37 -2.75 -10.23
CA ILE B 330 9.22 -1.64 -10.66
C ILE B 330 9.51 -0.71 -9.49
N LEU B 331 8.50 -0.41 -8.67
CA LEU B 331 8.70 0.44 -7.51
C LEU B 331 9.60 -0.23 -6.47
N MET B 332 9.56 -1.55 -6.37
CA MET B 332 10.38 -2.23 -5.38
C MET B 332 11.87 -2.11 -5.70
N GLU B 333 12.23 -2.04 -6.98
CA GLU B 333 13.62 -1.81 -7.35
C GLU B 333 14.07 -0.40 -7.06
N GLN B 334 13.14 0.54 -6.92
CA GLN B 334 13.47 1.91 -6.56
C GLN B 334 13.84 2.07 -5.10
N GLY B 335 13.46 1.11 -4.26
CA GLY B 335 13.70 1.22 -2.83
C GLY B 335 12.68 2.04 -2.08
N GLU B 336 11.44 2.07 -2.56
CA GLU B 336 10.42 2.94 -1.98
C GLU B 336 10.07 2.51 -0.57
N PHE B 337 10.03 1.19 -0.31
CA PHE B 337 9.58 0.65 0.95
C PHE B 337 10.73 0.11 1.80
N LEU B 338 11.97 0.46 1.47
CA LEU B 338 13.10 0.04 2.30
C LEU B 338 13.13 0.74 3.64
N ASN B 339 12.36 1.82 3.82
CA ASN B 339 12.38 2.56 5.07
C ASN B 339 11.77 1.75 6.20
N TYR B 340 10.70 1.02 5.92
CA TYR B 340 9.93 0.35 6.96
C TYR B 340 10.42 -1.07 7.17
N ASP B 341 10.46 -1.49 8.43
CA ASP B 341 10.80 -2.88 8.75
C ASP B 341 9.65 -3.80 8.35
N ILE B 342 9.98 -4.88 7.64
CA ILE B 342 8.99 -5.73 7.01
C ILE B 342 9.07 -7.13 7.62
N MET B 343 7.91 -7.69 7.95
CA MET B 343 7.77 -9.10 8.31
C MET B 343 6.71 -9.71 7.41
N LEU B 344 7.00 -10.85 6.81
CA LEU B 344 6.08 -11.46 5.87
C LEU B 344 6.22 -12.98 5.92
N GLY B 345 5.26 -13.66 5.30
CA GLY B 345 5.25 -15.11 5.28
C GLY B 345 3.94 -15.61 4.74
N VAL B 346 3.90 -16.93 4.51
CA VAL B 346 2.74 -17.59 3.92
C VAL B 346 2.43 -18.85 4.71
N ASN B 347 1.24 -19.40 4.45
CA ASN B 347 0.81 -20.64 5.06
C ASN B 347 1.21 -21.82 4.18
N GLN B 348 0.87 -23.03 4.61
CA GLN B 348 1.30 -24.24 3.91
C GLN B 348 0.50 -24.46 2.63
N GLY B 349 -0.81 -24.70 2.78
CA GLY B 349 -1.66 -24.97 1.63
C GLY B 349 -2.72 -23.91 1.42
N GLU B 350 -2.36 -22.82 0.75
CA GLU B 350 -3.26 -21.68 0.59
C GLU B 350 -4.33 -21.95 -0.46
N GLY B 351 -3.98 -22.66 -1.54
CA GLY B 351 -4.91 -22.91 -2.61
C GLY B 351 -5.78 -24.14 -2.41
N LEU B 352 -6.52 -24.17 -1.30
CA LEU B 352 -7.34 -25.34 -1.02
C LEU B 352 -8.54 -25.43 -1.97
N LYS B 353 -9.22 -24.31 -2.20
CA LYS B 353 -10.42 -24.31 -3.01
C LYS B 353 -10.16 -24.59 -4.48
N PHE B 354 -8.89 -24.57 -4.91
CA PHE B 354 -8.57 -24.85 -6.30
C PHE B 354 -8.92 -26.29 -6.66
N VAL B 355 -8.49 -27.25 -5.84
CA VAL B 355 -8.68 -28.66 -6.14
C VAL B 355 -9.86 -29.26 -5.40
N GLU B 356 -10.47 -28.53 -4.46
CA GLU B 356 -11.52 -29.12 -3.62
C GLU B 356 -12.69 -29.63 -4.44
N GLY B 357 -13.01 -28.96 -5.55
CA GLY B 357 -14.09 -29.44 -6.40
C GLY B 357 -13.73 -30.67 -7.20
N VAL B 358 -12.45 -30.84 -7.53
CA VAL B 358 -12.01 -31.98 -8.33
C VAL B 358 -11.85 -33.24 -7.47
N VAL B 359 -11.62 -33.09 -6.17
CA VAL B 359 -11.34 -34.23 -5.31
C VAL B 359 -12.53 -35.18 -5.28
N ASP B 360 -12.25 -36.47 -5.44
CA ASP B 360 -13.27 -37.51 -5.39
C ASP B 360 -13.60 -37.83 -3.94
N PRO B 361 -14.65 -38.63 -3.70
CA PRO B 361 -14.95 -39.03 -2.31
C PRO B 361 -13.84 -39.82 -1.63
N GLU B 362 -12.88 -40.36 -2.39
CA GLU B 362 -11.75 -41.07 -1.82
C GLU B 362 -10.57 -40.18 -1.52
N ASP B 363 -10.75 -38.85 -1.57
CA ASP B 363 -9.69 -37.88 -1.30
C ASP B 363 -8.49 -38.09 -2.23
N GLY B 364 -8.78 -38.22 -3.52
CA GLY B 364 -7.74 -38.43 -4.50
C GLY B 364 -8.05 -37.70 -5.79
N VAL B 365 -6.99 -37.38 -6.53
CA VAL B 365 -7.09 -36.74 -7.83
C VAL B 365 -6.56 -37.70 -8.88
N SER B 366 -7.38 -38.01 -9.87
CA SER B 366 -6.97 -38.94 -10.91
C SER B 366 -6.00 -38.26 -11.88
N GLY B 367 -5.33 -39.09 -12.68
CA GLY B 367 -4.36 -38.56 -13.63
C GLY B 367 -5.02 -37.69 -14.69
N THR B 368 -6.20 -38.08 -15.16
CA THR B 368 -6.93 -37.26 -16.11
C THR B 368 -7.43 -35.98 -15.46
N ASP B 369 -7.88 -36.06 -14.21
CA ASP B 369 -8.28 -34.85 -13.48
C ASP B 369 -7.09 -33.96 -13.18
N PHE B 370 -5.92 -34.56 -12.92
CA PHE B 370 -4.71 -33.77 -12.69
C PHE B 370 -4.31 -33.01 -13.95
N ASP B 371 -4.23 -33.71 -15.08
CA ASP B 371 -3.89 -33.03 -16.33
C ASP B 371 -4.95 -32.01 -16.72
N TYR B 372 -6.21 -32.27 -16.39
CA TYR B 372 -7.27 -31.32 -16.70
C TYR B 372 -7.12 -30.05 -15.89
N SER B 373 -6.87 -30.19 -14.58
CA SER B 373 -6.73 -29.02 -13.73
C SER B 373 -5.48 -28.21 -14.07
N VAL B 374 -4.41 -28.90 -14.50
CA VAL B 374 -3.21 -28.18 -14.92
C VAL B 374 -3.47 -27.41 -16.20
N SER B 375 -4.25 -28.00 -17.12
CA SER B 375 -4.57 -27.30 -18.37
C SER B 375 -5.42 -26.06 -18.10
N ASN B 376 -6.34 -26.15 -17.13
CA ASN B 376 -7.12 -24.97 -16.76
C ASN B 376 -6.24 -23.87 -16.19
N PHE B 377 -5.16 -24.24 -15.51
CA PHE B 377 -4.27 -23.22 -14.93
C PHE B 377 -3.58 -22.42 -16.02
N VAL B 378 -3.10 -23.08 -17.08
CA VAL B 378 -2.40 -22.37 -18.14
C VAL B 378 -3.35 -21.52 -18.97
N ASP B 379 -4.63 -21.89 -19.00
CA ASP B 379 -5.58 -21.12 -19.80
C ASP B 379 -5.87 -19.75 -19.18
N ASN B 380 -6.04 -19.70 -17.86
CA ASN B 380 -6.53 -18.49 -17.21
C ASN B 380 -5.44 -17.43 -17.07
N LEU B 381 -4.31 -17.78 -16.45
CA LEU B 381 -3.32 -16.78 -16.06
C LEU B 381 -2.50 -16.26 -17.24
N TYR B 382 -2.25 -17.08 -18.26
CA TYR B 382 -1.31 -16.73 -19.32
C TYR B 382 -1.97 -16.46 -20.66
N GLY B 383 -3.28 -16.68 -20.78
CA GLY B 383 -4.05 -16.23 -21.92
C GLY B 383 -3.59 -16.69 -23.29
N TYR B 384 -3.43 -18.01 -23.46
CA TYR B 384 -3.15 -18.64 -24.76
C TYR B 384 -1.98 -18.03 -25.50
N PRO B 385 -0.75 -18.20 -25.03
CA PRO B 385 0.41 -17.77 -25.82
C PRO B 385 0.81 -18.82 -26.83
N GLU B 386 1.60 -18.41 -27.82
CA GLU B 386 2.15 -19.37 -28.76
C GLU B 386 3.15 -20.26 -28.04
N GLY B 387 3.12 -21.55 -28.36
CA GLY B 387 3.91 -22.50 -27.60
C GLY B 387 3.37 -22.77 -26.21
N LYS B 388 2.05 -22.73 -26.05
CA LYS B 388 1.42 -22.97 -24.77
C LYS B 388 1.46 -24.45 -24.37
N ASP B 389 1.41 -25.36 -25.35
CA ASP B 389 1.48 -26.78 -25.07
C ASP B 389 2.80 -27.17 -24.41
N THR B 390 3.84 -26.36 -24.60
CA THR B 390 5.13 -26.65 -23.99
C THR B 390 5.08 -26.52 -22.47
N LEU B 391 4.25 -25.61 -21.95
CA LEU B 391 4.21 -25.34 -20.52
C LEU B 391 3.25 -26.26 -19.75
N ARG B 392 2.25 -26.82 -20.41
CA ARG B 392 1.34 -27.73 -19.71
C ARG B 392 2.08 -28.97 -19.23
N GLU B 393 2.88 -29.59 -20.11
CA GLU B 393 3.62 -30.79 -19.73
C GLU B 393 4.81 -30.46 -18.83
N THR B 394 5.36 -29.25 -18.95
CA THR B 394 6.43 -28.84 -18.05
C THR B 394 5.91 -28.71 -16.62
N ILE B 395 4.71 -28.13 -16.45
CA ILE B 395 4.11 -28.02 -15.13
C ILE B 395 3.79 -29.40 -14.57
N LYS B 396 3.21 -30.27 -15.41
CA LYS B 396 2.84 -31.60 -14.95
C LYS B 396 4.07 -32.40 -14.51
N PHE B 397 5.21 -32.16 -15.13
CA PHE B 397 6.44 -32.83 -14.70
C PHE B 397 6.94 -32.28 -13.37
N MET B 398 6.83 -30.97 -13.17
CA MET B 398 7.40 -30.36 -11.98
C MET B 398 6.68 -30.81 -10.71
N TYR B 399 5.36 -30.76 -10.71
CA TYR B 399 4.57 -31.08 -9.53
C TYR B 399 4.07 -32.53 -9.58
N THR B 400 4.99 -33.46 -9.81
CA THR B 400 4.68 -34.89 -9.81
C THR B 400 5.76 -35.60 -9.03
N ASP B 401 5.43 -36.08 -7.83
CA ASP B 401 6.37 -36.83 -7.01
C ASP B 401 6.69 -38.14 -7.72
N TRP B 402 7.87 -38.22 -8.33
CA TRP B 402 8.27 -39.44 -9.02
C TRP B 402 8.56 -40.57 -8.05
N ALA B 403 8.68 -40.28 -6.76
CA ALA B 403 8.77 -41.35 -5.77
C ALA B 403 7.46 -42.09 -5.58
N ASP B 404 6.34 -41.55 -6.08
CA ASP B 404 5.02 -42.14 -5.88
C ASP B 404 4.12 -41.57 -6.98
N ARG B 405 4.30 -42.09 -8.19
CA ARG B 405 3.62 -41.53 -9.36
C ARG B 405 2.13 -41.81 -9.31
N ASP B 406 1.73 -43.00 -8.85
CA ASP B 406 0.34 -43.43 -8.93
C ASP B 406 -0.46 -43.10 -7.67
N ASN B 407 0.09 -42.31 -6.76
CA ASN B 407 -0.62 -41.96 -5.54
C ASN B 407 -1.66 -40.89 -5.82
N PRO B 408 -2.95 -41.15 -5.59
CA PRO B 408 -3.95 -40.09 -5.78
C PRO B 408 -3.90 -39.03 -4.71
N GLU B 409 -3.55 -39.38 -3.47
CA GLU B 409 -3.50 -38.40 -2.39
C GLU B 409 -2.27 -37.51 -2.53
N THR B 410 -1.11 -38.09 -2.86
CA THR B 410 0.07 -37.27 -3.12
C THR B 410 -0.14 -36.39 -4.35
N ARG B 411 -0.83 -36.92 -5.36
CA ARG B 411 -1.18 -36.12 -6.53
C ARG B 411 -2.04 -34.92 -6.12
N ARG B 412 -2.93 -35.11 -5.15
CA ARG B 412 -3.67 -34.00 -4.60
C ARG B 412 -2.75 -33.06 -3.83
N LYS B 413 -1.75 -33.62 -3.13
CA LYS B 413 -0.85 -32.81 -2.32
C LYS B 413 -0.01 -31.89 -3.19
N THR B 414 0.57 -32.42 -4.26
CA THR B 414 1.39 -31.59 -5.15
C THR B 414 0.53 -30.62 -5.97
N LEU B 415 -0.72 -30.98 -6.22
CA LEU B 415 -1.59 -30.09 -6.98
C LEU B 415 -2.00 -28.86 -6.17
N VAL B 416 -2.16 -29.01 -4.86
CA VAL B 416 -2.39 -27.85 -4.00
C VAL B 416 -1.14 -26.99 -3.94
N ALA B 417 0.04 -27.62 -3.92
CA ALA B 417 1.28 -26.87 -3.90
C ALA B 417 1.50 -26.10 -5.19
N LEU B 418 0.84 -26.49 -6.28
CA LEU B 418 0.94 -25.74 -7.53
C LEU B 418 0.32 -24.34 -7.37
N PHE B 419 -0.96 -24.30 -7.03
CA PHE B 419 -1.65 -23.02 -6.84
C PHE B 419 -1.02 -22.23 -5.70
N THR B 420 -0.49 -22.91 -4.68
CA THR B 420 0.08 -22.22 -3.53
C THR B 420 1.40 -21.54 -3.89
N ASP B 421 2.21 -22.17 -4.75
CA ASP B 421 3.52 -21.61 -5.07
C ASP B 421 3.40 -20.38 -5.95
N HIS B 422 2.57 -20.43 -6.99
CA HIS B 422 2.51 -19.36 -7.96
C HIS B 422 1.74 -18.14 -7.46
N GLN B 423 0.71 -18.34 -6.63
CA GLN B 423 -0.15 -17.24 -6.22
C GLN B 423 0.33 -16.56 -4.93
N TRP B 424 0.94 -17.31 -4.01
CA TRP B 424 1.37 -16.75 -2.73
C TRP B 424 2.87 -16.86 -2.51
N VAL B 425 3.45 -18.06 -2.69
CA VAL B 425 4.85 -18.26 -2.32
C VAL B 425 5.78 -17.53 -3.27
N GLU B 426 5.51 -17.57 -4.58
CA GLU B 426 6.38 -16.87 -5.53
C GLU B 426 6.39 -15.37 -5.32
N PRO B 427 5.25 -14.67 -5.24
CA PRO B 427 5.32 -13.20 -5.06
C PRO B 427 5.89 -12.80 -3.70
N SER B 428 5.72 -13.64 -2.67
CA SER B 428 6.21 -13.29 -1.35
C SER B 428 7.73 -13.33 -1.29
N VAL B 429 8.34 -14.33 -1.91
CA VAL B 429 9.81 -14.43 -1.89
C VAL B 429 10.44 -13.32 -2.73
N VAL B 430 9.81 -12.97 -3.86
CA VAL B 430 10.31 -11.87 -4.67
C VAL B 430 10.23 -10.56 -3.91
N THR B 431 9.20 -10.40 -3.07
CA THR B 431 9.10 -9.19 -2.26
C THR B 431 10.15 -9.17 -1.15
N ALA B 432 10.43 -10.34 -0.55
CA ALA B 432 11.40 -10.39 0.53
C ALA B 432 12.83 -10.17 0.03
N ASP B 433 13.15 -10.63 -1.18
CA ASP B 433 14.49 -10.43 -1.71
C ASP B 433 14.72 -8.98 -2.09
N LEU B 434 13.70 -8.32 -2.65
CA LEU B 434 13.85 -6.92 -3.05
C LEU B 434 13.87 -5.98 -1.86
N HIS B 435 13.42 -6.42 -0.69
CA HIS B 435 13.49 -5.62 0.52
C HIS B 435 14.79 -5.87 1.28
N ALA B 436 15.15 -7.14 1.46
CA ALA B 436 16.40 -7.48 2.14
C ALA B 436 17.62 -7.31 1.26
N ARG B 437 17.46 -6.81 0.04
CA ARG B 437 18.59 -6.68 -0.87
C ARG B 437 19.67 -5.76 -0.31
N TYR B 438 19.29 -4.72 0.42
CA TYR B 438 20.26 -3.75 0.92
C TYR B 438 20.27 -3.70 2.45
N GLY B 439 20.31 -4.86 3.10
CA GLY B 439 20.47 -4.92 4.54
C GLY B 439 19.35 -4.33 5.37
N SER B 440 18.20 -4.05 4.78
CA SER B 440 17.08 -3.54 5.56
C SER B 440 16.47 -4.66 6.40
N PRO B 441 16.01 -4.37 7.61
CA PRO B 441 15.47 -5.43 8.48
C PRO B 441 14.28 -6.14 7.86
N THR B 442 14.45 -7.44 7.64
CA THR B 442 13.42 -8.27 7.02
C THR B 442 13.33 -9.60 7.76
N TYR B 443 12.11 -10.07 7.99
CA TYR B 443 11.87 -11.34 8.67
C TYR B 443 10.82 -12.13 7.91
N PHE B 444 11.07 -13.42 7.73
CA PHE B 444 10.22 -14.31 6.94
C PHE B 444 9.81 -15.50 7.79
N TYR B 445 8.55 -15.91 7.65
CA TYR B 445 8.01 -17.04 8.39
C TYR B 445 7.30 -17.99 7.44
N ALA B 446 6.96 -19.17 7.96
CA ALA B 446 6.19 -20.17 7.23
C ALA B 446 5.27 -20.87 8.22
N PHE B 447 3.96 -20.76 7.99
CA PHE B 447 2.97 -21.30 8.90
C PHE B 447 2.63 -22.74 8.53
N TYR B 448 2.75 -23.64 9.50
CA TYR B 448 2.51 -25.07 9.30
C TYR B 448 1.63 -25.64 10.41
N HIS B 449 0.58 -24.91 10.78
CA HIS B 449 -0.35 -25.38 11.80
C HIS B 449 -1.70 -24.72 11.61
N HIS B 450 -2.76 -25.52 11.68
CA HIS B 450 -4.12 -25.05 11.54
C HIS B 450 -5.00 -25.75 12.56
N CYS B 451 -6.13 -25.13 12.87
CA CYS B 451 -7.03 -25.69 13.86
C CYS B 451 -7.94 -26.74 13.21
N GLN B 452 -8.61 -27.52 14.05
CA GLN B 452 -9.35 -28.70 13.62
C GLN B 452 -10.85 -28.44 13.79
N SER B 453 -11.59 -28.53 12.69
CA SER B 453 -13.04 -28.35 12.71
C SER B 453 -13.61 -28.87 11.40
N LEU B 454 -14.92 -28.70 11.24
CA LEU B 454 -15.61 -29.07 10.01
C LEU B 454 -15.62 -27.97 8.97
N MET B 455 -14.97 -26.83 9.26
CA MET B 455 -14.88 -25.76 8.27
C MET B 455 -14.12 -26.23 7.04
N LYS B 456 -13.01 -26.93 7.24
CA LYS B 456 -12.17 -27.44 6.17
C LYS B 456 -11.96 -28.93 6.34
N PRO B 457 -11.77 -29.66 5.26
CA PRO B 457 -11.52 -31.10 5.37
C PRO B 457 -10.26 -31.38 6.17
N ALA B 458 -10.25 -32.53 6.84
CA ALA B 458 -9.15 -32.86 7.74
C ALA B 458 -7.84 -33.08 6.98
N TRP B 459 -7.91 -33.62 5.76
CA TRP B 459 -6.70 -33.87 4.98
C TRP B 459 -6.02 -32.57 4.56
N SER B 460 -6.76 -31.48 4.47
CA SER B 460 -6.17 -30.21 4.07
C SER B 460 -5.36 -29.61 5.21
N ASP B 461 -4.36 -28.83 4.84
CA ASP B 461 -3.46 -28.19 5.80
C ASP B 461 -3.87 -26.74 6.00
N ALA B 462 -2.94 -25.91 6.49
CA ALA B 462 -3.23 -24.51 6.77
C ALA B 462 -3.63 -23.78 5.49
N ALA B 463 -4.87 -23.33 5.41
CA ALA B 463 -5.41 -22.70 4.22
C ALA B 463 -5.35 -21.17 4.37
N HIS B 464 -5.98 -20.46 3.43
CA HIS B 464 -5.94 -19.01 3.42
C HIS B 464 -6.68 -18.44 4.63
N GLY B 465 -6.01 -17.58 5.38
CA GLY B 465 -6.61 -16.98 6.55
C GLY B 465 -6.57 -17.81 7.81
N ASP B 466 -5.85 -18.94 7.79
CA ASP B 466 -5.77 -19.79 8.98
C ASP B 466 -4.79 -19.26 10.02
N GLU B 467 -3.86 -18.39 9.63
CA GLU B 467 -2.95 -17.77 10.59
C GLU B 467 -3.59 -16.61 11.34
N VAL B 468 -4.77 -16.15 10.90
CA VAL B 468 -5.42 -15.02 11.56
C VAL B 468 -5.72 -15.32 13.03
N PRO B 469 -6.35 -16.45 13.40
CA PRO B 469 -6.66 -16.65 14.83
C PRO B 469 -5.44 -16.70 15.73
N TYR B 470 -4.33 -17.29 15.26
CA TYR B 470 -3.15 -17.41 16.10
C TYR B 470 -2.43 -16.09 16.28
N VAL B 471 -2.68 -15.10 15.43
CA VAL B 471 -2.06 -13.79 15.60
C VAL B 471 -2.82 -12.97 16.64
N PHE B 472 -4.14 -13.11 16.68
CA PHE B 472 -4.97 -12.37 17.62
C PHE B 472 -5.29 -13.16 18.89
N GLY B 473 -4.77 -14.38 19.01
CA GLY B 473 -4.95 -15.15 20.23
C GLY B 473 -6.37 -15.60 20.48
N VAL B 474 -7.00 -16.18 19.46
CA VAL B 474 -8.36 -16.71 19.58
C VAL B 474 -8.40 -17.91 20.54
N PRO B 475 -7.46 -18.85 20.49
CA PRO B 475 -7.49 -19.96 21.48
C PRO B 475 -7.40 -19.49 22.93
N MET B 476 -6.93 -18.25 23.18
CA MET B 476 -6.92 -17.74 24.54
C MET B 476 -8.32 -17.57 25.09
N VAL B 477 -9.31 -17.33 24.23
CA VAL B 477 -10.70 -17.17 24.63
C VAL B 477 -11.48 -18.46 24.46
N GLY B 478 -11.22 -19.20 23.38
CA GLY B 478 -11.92 -20.43 23.10
C GLY B 478 -12.62 -20.41 21.77
N PRO B 479 -13.44 -21.42 21.50
CA PRO B 479 -14.19 -21.45 20.23
C PRO B 479 -15.19 -20.30 20.16
N THR B 480 -15.26 -19.68 18.99
CA THR B 480 -16.14 -18.55 18.74
C THR B 480 -17.19 -18.92 17.71
N ASP B 481 -18.15 -18.02 17.51
CA ASP B 481 -19.17 -18.23 16.49
C ASP B 481 -18.58 -18.22 15.09
N LEU B 482 -17.48 -17.50 14.89
CA LEU B 482 -16.82 -17.45 13.59
C LEU B 482 -15.76 -18.52 13.42
N PHE B 483 -15.21 -19.04 14.52
CA PHE B 483 -14.22 -20.12 14.48
C PHE B 483 -14.70 -21.24 15.39
N PRO B 484 -15.49 -22.17 14.86
CA PRO B 484 -15.96 -23.29 15.69
C PRO B 484 -14.92 -24.39 15.84
N CYS B 485 -13.65 -24.04 15.78
CA CYS B 485 -12.58 -25.01 15.93
C CYS B 485 -12.49 -25.49 17.37
N ASN B 486 -11.95 -26.70 17.55
CA ASN B 486 -11.79 -27.33 18.85
C ASN B 486 -10.29 -27.33 19.17
N PHE B 487 -9.82 -26.24 19.76
CA PHE B 487 -8.40 -26.06 20.02
C PHE B 487 -7.94 -26.97 21.15
N SER B 488 -6.62 -27.14 21.23
CA SER B 488 -5.97 -27.89 22.30
C SER B 488 -5.04 -26.96 23.07
N LYS B 489 -4.35 -27.52 24.08
CA LYS B 489 -3.41 -26.72 24.85
C LYS B 489 -2.20 -26.31 24.02
N ASN B 490 -1.85 -27.09 23.00
CA ASN B 490 -0.75 -26.73 22.12
C ASN B 490 -1.08 -25.53 21.25
N ASP B 491 -2.37 -25.27 21.01
CA ASP B 491 -2.75 -24.10 20.22
C ASP B 491 -2.59 -22.81 21.01
N VAL B 492 -2.88 -22.85 22.31
CA VAL B 492 -2.69 -21.67 23.15
C VAL B 492 -1.21 -21.36 23.31
N MET B 493 -0.38 -22.40 23.49
CA MET B 493 1.06 -22.18 23.60
C MET B 493 1.62 -21.61 22.30
N LEU B 494 1.20 -22.15 21.16
CA LEU B 494 1.69 -21.65 19.88
C LEU B 494 1.22 -20.23 19.63
N SER B 495 -0.05 -19.94 19.97
CA SER B 495 -0.58 -18.61 19.72
C SER B 495 0.11 -17.56 20.58
N ALA B 496 0.42 -17.92 21.84
CA ALA B 496 1.18 -17.00 22.69
C ALA B 496 2.58 -16.78 22.14
N VAL B 497 3.15 -17.79 21.49
CA VAL B 497 4.45 -17.61 20.84
C VAL B 497 4.32 -16.68 19.65
N VAL B 498 3.26 -16.86 18.85
CA VAL B 498 3.07 -16.01 17.68
C VAL B 498 2.79 -14.57 18.10
N MET B 499 1.90 -14.38 19.08
CA MET B 499 1.60 -13.04 19.55
C MET B 499 2.84 -12.36 20.11
N THR B 500 3.73 -13.11 20.74
CA THR B 500 4.95 -12.52 21.28
C THR B 500 5.88 -12.07 20.16
N TYR B 501 5.99 -12.87 19.09
CA TYR B 501 6.81 -12.46 17.95
C TYR B 501 6.24 -11.22 17.28
N TRP B 502 4.92 -11.14 17.15
CA TRP B 502 4.31 -9.99 16.50
C TRP B 502 4.51 -8.72 17.32
N THR B 503 4.16 -8.77 18.60
CA THR B 503 4.29 -7.58 19.45
C THR B 503 5.74 -7.15 19.58
N ASN B 504 6.65 -8.12 19.72
CA ASN B 504 8.07 -7.79 19.79
C ASN B 504 8.53 -7.08 18.53
N PHE B 505 8.06 -7.53 17.36
CA PHE B 505 8.42 -6.86 16.12
C PHE B 505 7.78 -5.49 16.03
N ALA B 506 6.50 -5.38 16.40
CA ALA B 506 5.85 -4.08 16.37
C ALA B 506 6.46 -3.11 17.38
N LYS B 507 7.04 -3.63 18.47
CA LYS B 507 7.56 -2.78 19.52
C LYS B 507 8.98 -2.33 19.21
N THR B 508 9.84 -3.24 18.73
CA THR B 508 11.25 -2.94 18.55
C THR B 508 11.76 -3.20 17.15
N GLY B 509 10.94 -3.73 16.24
CA GLY B 509 11.42 -4.14 14.94
C GLY B 509 12.14 -5.47 14.92
N ASP B 510 12.30 -6.10 16.07
CA ASP B 510 12.97 -7.39 16.19
C ASP B 510 12.00 -8.36 16.85
N PRO B 511 11.70 -9.51 16.23
CA PRO B 511 10.75 -10.45 16.84
C PRO B 511 11.25 -11.11 18.11
N ASN B 512 12.55 -11.02 18.40
CA ASN B 512 13.13 -11.67 19.58
C ASN B 512 13.30 -10.73 20.76
N LYS B 513 13.12 -9.42 20.56
CA LYS B 513 13.32 -8.44 21.61
C LYS B 513 12.04 -7.65 21.85
N PRO B 514 11.72 -7.29 23.10
CA PRO B 514 12.54 -7.54 24.29
C PRO B 514 12.13 -8.78 25.10
N VAL B 515 10.98 -9.37 24.79
CA VAL B 515 10.44 -10.49 25.54
C VAL B 515 10.87 -11.78 24.84
N PRO B 516 11.72 -12.60 25.44
CA PRO B 516 12.12 -13.87 24.82
C PRO B 516 11.04 -14.92 24.97
N GLN B 517 11.23 -16.03 24.25
CA GLN B 517 10.27 -17.13 24.24
C GLN B 517 10.55 -18.10 25.38
N ASP B 518 9.49 -18.51 26.07
CA ASP B 518 9.58 -19.48 27.15
C ASP B 518 8.47 -20.52 27.04
N VAL B 532 14.40 -20.22 21.28
CA VAL B 532 14.09 -20.03 19.87
C VAL B 532 14.44 -18.60 19.44
N ALA B 533 15.24 -18.47 18.39
CA ALA B 533 15.68 -17.17 17.90
C ALA B 533 15.34 -17.04 16.43
N TRP B 534 14.64 -15.96 16.08
CA TRP B 534 14.26 -15.67 14.70
C TRP B 534 15.38 -14.87 14.04
N SER B 535 16.04 -15.48 13.05
CA SER B 535 17.19 -14.85 12.42
C SER B 535 16.74 -13.86 11.34
N LYS B 536 17.62 -12.90 11.06
CA LYS B 536 17.32 -11.86 10.08
C LYS B 536 17.46 -12.39 8.68
N TYR B 537 16.53 -11.99 7.80
CA TYR B 537 16.50 -12.49 6.43
C TYR B 537 17.41 -11.67 5.53
N ASN B 538 18.10 -12.37 4.62
CA ASN B 538 18.92 -11.75 3.59
C ASN B 538 18.87 -12.64 2.36
N PRO B 539 18.99 -12.07 1.16
CA PRO B 539 18.82 -12.87 -0.06
C PRO B 539 19.87 -13.97 -0.23
N ARG B 540 20.97 -13.93 0.52
CA ARG B 540 22.00 -14.95 0.39
C ARG B 540 21.73 -16.14 1.30
N ASP B 541 21.45 -15.90 2.58
CA ASP B 541 21.18 -17.00 3.49
C ASP B 541 19.73 -17.45 3.40
N GLN B 542 18.81 -16.52 3.17
CA GLN B 542 17.38 -16.80 3.03
C GLN B 542 16.85 -17.55 4.26
N LEU B 543 17.13 -17.00 5.44
CA LEU B 543 16.73 -17.64 6.69
C LEU B 543 15.28 -17.31 7.02
N TYR B 544 14.47 -18.35 7.20
CA TYR B 544 13.07 -18.20 7.58
C TYR B 544 12.80 -19.01 8.85
N LEU B 545 11.64 -18.77 9.45
CA LEU B 545 11.25 -19.41 10.69
C LEU B 545 10.10 -20.38 10.41
N HIS B 546 10.32 -21.66 10.66
CA HIS B 546 9.30 -22.69 10.47
C HIS B 546 8.37 -22.64 11.67
N ILE B 547 7.19 -22.05 11.50
CA ILE B 547 6.24 -21.88 12.60
C ILE B 547 5.38 -23.14 12.69
N GLY B 548 5.38 -23.76 13.86
CA GLY B 548 4.57 -24.94 14.07
C GLY B 548 4.75 -25.46 15.48
N LEU B 549 4.16 -26.62 15.74
CA LEU B 549 4.28 -27.24 17.06
C LEU B 549 5.72 -27.61 17.38
N LYS B 550 6.57 -27.76 16.36
CA LYS B 550 8.01 -27.97 16.52
C LYS B 550 8.71 -26.77 15.90
N PRO B 551 8.78 -25.65 16.62
CA PRO B 551 9.36 -24.44 16.04
C PRO B 551 10.86 -24.60 15.78
N ARG B 552 11.25 -24.33 14.54
CA ARG B 552 12.63 -24.52 14.12
C ARG B 552 12.96 -23.48 13.05
N VAL B 553 14.24 -23.42 12.68
CA VAL B 553 14.73 -22.51 11.66
C VAL B 553 15.37 -23.33 10.55
N ARG B 554 14.88 -23.16 9.33
CA ARG B 554 15.44 -23.82 8.16
C ARG B 554 15.87 -22.74 7.15
N ASP B 555 16.21 -23.17 5.94
CA ASP B 555 16.71 -22.26 4.91
C ASP B 555 16.12 -22.61 3.56
N HIS B 556 16.05 -21.60 2.70
CA HIS B 556 15.68 -21.75 1.29
C HIS B 556 14.32 -22.45 1.15
N TYR B 557 13.31 -21.82 1.75
CA TYR B 557 11.96 -22.39 1.77
C TYR B 557 11.43 -22.58 0.36
N ARG B 558 11.23 -23.84 -0.02
CA ARG B 558 10.67 -24.19 -1.33
C ARG B 558 11.43 -23.52 -2.46
N ALA B 559 12.73 -23.27 -2.25
CA ALA B 559 13.52 -22.49 -3.19
C ALA B 559 13.66 -23.18 -4.54
N THR B 560 13.46 -24.50 -4.58
CA THR B 560 13.51 -25.21 -5.85
C THR B 560 12.37 -24.79 -6.78
N LYS B 561 11.16 -24.64 -6.22
CA LYS B 561 10.01 -24.21 -7.01
C LYS B 561 10.00 -22.70 -7.25
N VAL B 562 10.65 -21.92 -6.39
CA VAL B 562 10.60 -20.47 -6.51
C VAL B 562 11.32 -20.02 -7.78
N ALA B 563 12.56 -20.48 -7.96
CA ALA B 563 13.31 -20.12 -9.16
C ALA B 563 12.64 -20.61 -10.43
N PHE B 564 11.76 -21.61 -10.32
CA PHE B 564 11.05 -22.10 -11.51
C PHE B 564 10.09 -21.04 -12.04
N TRP B 565 9.31 -20.43 -11.15
CA TRP B 565 8.33 -19.44 -11.60
C TRP B 565 8.95 -18.10 -11.95
N LYS B 566 10.06 -17.74 -11.30
CA LYS B 566 10.66 -16.43 -11.49
C LYS B 566 11.61 -16.39 -12.68
N HIS B 567 12.35 -17.47 -12.93
CA HIS B 567 13.37 -17.48 -13.97
C HIS B 567 13.00 -18.33 -15.18
N LEU B 568 12.59 -19.58 -14.96
CA LEU B 568 12.32 -20.45 -16.10
C LEU B 568 10.99 -20.14 -16.77
N VAL B 569 9.95 -19.88 -15.98
CA VAL B 569 8.62 -19.64 -16.54
C VAL B 569 8.59 -18.43 -17.45
N PRO B 570 9.09 -17.24 -17.06
CA PRO B 570 8.98 -16.08 -17.96
C PRO B 570 9.73 -16.25 -19.28
N HIS B 571 10.80 -17.04 -19.30
CA HIS B 571 11.54 -17.24 -20.55
C HIS B 571 10.74 -18.04 -21.57
N LEU B 572 9.93 -19.00 -21.09
CA LEU B 572 9.02 -19.72 -21.98
C LEU B 572 7.78 -18.91 -22.32
N TYR B 573 7.56 -17.80 -21.62
CA TYR B 573 6.50 -16.84 -21.92
C TYR B 573 7.03 -15.69 -22.77
N ASN B 574 8.34 -15.62 -23.01
CA ASN B 574 8.94 -14.57 -23.82
C ASN B 574 9.15 -15.06 -25.26
N LEU B 575 8.04 -15.43 -25.87
CA LEU B 575 7.95 -15.72 -27.30
C LEU B 575 7.80 -14.43 -28.11
N HIS B 576 8.50 -13.38 -27.71
CA HIS B 576 8.46 -12.09 -28.36
C HIS B 576 9.50 -11.97 -29.47
N ASP B 577 10.02 -13.10 -29.93
CA ASP B 577 11.03 -13.12 -30.99
C ASP B 577 10.46 -12.68 -32.32
N MET B 578 9.14 -12.78 -32.50
CA MET B 578 8.51 -12.35 -33.75
C MET B 578 8.75 -10.87 -34.01
N PHE B 579 8.86 -10.07 -32.95
CA PHE B 579 9.00 -8.62 -33.08
C PHE B 579 10.30 -8.29 -33.80
#